data_4EZH
#
_entry.id   4EZH
#
_cell.length_a   83.682
_cell.length_b   102.413
_cell.length_c   143.200
_cell.angle_alpha   90.00
_cell.angle_beta   90.00
_cell.angle_gamma   90.00
#
_symmetry.space_group_name_H-M   'P 21 21 21'
#
loop_
_entity.id
_entity.type
_entity.pdbx_description
1 polymer 'Lysine-specific demethylase 6B'
2 polymer 'SYNTHESIZED methylation peptide'
3 non-polymer 'NICKEL (II) ION'
4 non-polymer 'ZINC ION'
5 non-polymer N-OXALYLGLYCINE
6 water water
#
loop_
_entity_poly.entity_id
_entity_poly.type
_entity_poly.pdbx_seq_one_letter_code
_entity_poly.pdbx_strand_id
1 'polypeptide(L)'
;ESYLSPAQSVKPKINTEEKLPREKLNPPTPSIYLESKRDAFSPVLLQFCTDPRNPITVIRGLAGSLRLNLGLFSTKTLVE
ASGEHTVEVRTQVQQPSDENWDLTGTRQIWPCESSRSHTTIAKYAQYQASSFQESLQEELEVLFQGPTKAARKSAPATGG
GSSGSHHIIKFGTNIDLSDAKRWKPQLQELLKLPAFMRVTSTGNMLSHVGHTILGMNTVQLYMKVPGSRTPGHQENNNFC
SVNINIGPGDCEWFAVHEHYWETISAFCDRHGVDYLTGSWWPILDDLYASNIPVYRFVQRPGDLVWINAGTVHWVQATGW
CNNIAWNVGPLTAYQYQLALERYEWNEVKNVKSIVPMIHVSWNVARTVKISDPDLFKMIKFCLLQSMKHCQVQRESLVRA
GKKIAYQGRVKDEPAYYCNECDVEVFNILFVTSENGSRNTYLVHCEGCARRRSAGLQGVVVLEQYRTEELAQAYDAFTLA
PASTSR
;
A,B
2 'polypeptide(L)' AAR(M3L)SAPATGG C,D
#
# COMPACT_ATOMS: atom_id res chain seq x y z
N GLU A 1 14.35 -34.84 7.36
CA GLU A 1 14.02 -34.51 5.96
C GLU A 1 13.14 -33.25 5.85
N SER A 2 13.12 -32.47 6.93
CA SER A 2 12.34 -31.26 7.01
C SER A 2 12.78 -30.21 5.98
N TYR A 3 11.88 -29.27 5.70
CA TYR A 3 12.22 -28.05 4.99
C TYR A 3 12.76 -26.99 5.97
N LEU A 4 13.00 -27.39 7.21
CA LEU A 4 13.50 -26.47 8.23
C LEU A 4 14.78 -26.96 8.85
N SER A 5 15.63 -26.03 9.27
CA SER A 5 16.92 -26.38 9.85
C SER A 5 16.86 -26.00 11.29
N PRO A 6 16.82 -27.01 12.18
CA PRO A 6 16.54 -26.76 13.61
C PRO A 6 17.50 -25.73 14.20
N ALA A 7 18.74 -25.73 13.71
CA ALA A 7 19.77 -24.80 14.15
C ALA A 7 19.39 -23.33 13.90
N GLN A 8 18.47 -23.09 12.97
CA GLN A 8 18.11 -21.72 12.54
C GLN A 8 16.89 -21.17 13.26
N SER A 9 16.33 -21.93 14.19
CA SER A 9 15.19 -21.45 14.95
C SER A 9 15.42 -20.05 15.55
N VAL A 10 14.44 -19.16 15.34
CA VAL A 10 14.47 -17.85 15.99
C VAL A 10 13.34 -17.78 17.02
N LYS A 11 12.80 -18.95 17.38
CA LYS A 11 11.72 -19.01 18.35
C LYS A 11 12.24 -18.61 19.73
N PRO A 12 11.49 -17.74 20.42
CA PRO A 12 11.92 -17.21 21.72
C PRO A 12 11.99 -18.33 22.75
N LYS A 13 13.02 -18.26 23.60
CA LYS A 13 13.29 -19.37 24.49
C LYS A 13 12.55 -19.12 25.80
N ILE A 14 11.64 -20.02 26.11
CA ILE A 14 10.77 -19.85 27.27
C ILE A 14 10.81 -21.04 28.24
N ASN A 15 11.06 -20.78 29.52
CA ASN A 15 11.13 -21.88 30.48
C ASN A 15 9.86 -22.03 31.31
N THR A 16 9.19 -23.16 31.13
CA THR A 16 7.97 -23.45 31.89
C THR A 16 8.29 -24.30 33.12
N GLU A 17 9.55 -24.70 33.25
CA GLU A 17 9.96 -25.55 34.36
C GLU A 17 9.77 -24.84 35.70
N GLU A 18 10.14 -23.57 35.74
CA GLU A 18 9.99 -22.77 36.95
C GLU A 18 8.53 -22.46 37.23
N LYS A 19 8.15 -22.50 38.50
CA LYS A 19 6.79 -22.17 38.89
C LYS A 19 6.57 -20.69 38.59
N LEU A 20 5.37 -20.35 38.13
CA LEU A 20 5.07 -18.97 37.79
C LEU A 20 3.98 -18.39 38.67
N PRO A 21 4.25 -17.22 39.25
CA PRO A 21 3.25 -16.53 40.07
C PRO A 21 2.07 -16.00 39.26
N ARG A 22 0.94 -15.81 39.91
CA ARG A 22 -0.34 -15.48 39.26
C ARG A 22 -0.36 -14.19 38.42
N GLU A 23 0.30 -13.15 38.92
CA GLU A 23 0.32 -11.87 38.21
C GLU A 23 0.86 -12.05 36.78
N LYS A 24 1.84 -12.93 36.60
CA LYS A 24 2.39 -13.19 35.26
C LYS A 24 1.52 -14.19 34.50
N LEU A 25 0.63 -14.89 35.22
CA LEU A 25 -0.34 -15.78 34.60
C LEU A 25 -1.47 -14.96 34.00
N ASN A 26 -1.49 -13.67 34.32
CA ASN A 26 -2.40 -12.72 33.69
C ASN A 26 -1.65 -11.52 33.16
N PRO A 27 -0.95 -11.71 32.05
CA PRO A 27 -0.15 -10.63 31.46
C PRO A 27 -1.03 -9.52 30.91
N PRO A 28 -0.52 -8.29 30.97
CA PRO A 28 -1.21 -7.15 30.34
C PRO A 28 -1.09 -7.27 28.82
N THR A 29 -2.18 -6.97 28.13
CA THR A 29 -2.18 -6.95 26.68
C THR A 29 -1.60 -5.64 26.19
N PRO A 30 -0.55 -5.71 25.33
CA PRO A 30 0.08 -4.53 24.73
C PRO A 30 -0.94 -3.68 23.98
N SER A 31 -1.31 -2.54 24.57
CA SER A 31 -2.21 -1.59 23.91
C SER A 31 -1.36 -0.44 23.40
N ILE A 32 -1.70 0.05 22.21
CA ILE A 32 -0.92 1.10 21.56
C ILE A 32 -1.82 2.21 21.02
N TYR A 33 -1.54 3.47 21.34
CA TYR A 33 -2.35 4.56 20.76
C TYR A 33 -1.58 5.32 19.67
N LEU A 34 -2.28 5.87 18.68
CA LEU A 34 -1.59 6.55 17.56
C LEU A 34 -1.77 8.08 17.41
N GLU A 35 -1.04 8.88 18.18
CA GLU A 35 -1.21 10.34 18.14
C GLU A 35 -1.12 10.86 16.70
N SER A 36 -0.04 10.47 16.01
CA SER A 36 0.16 10.86 14.63
C SER A 36 -0.36 9.75 13.72
N LYS A 37 -0.54 10.08 12.44
CA LYS A 37 -0.95 9.08 11.46
C LYS A 37 0.29 8.40 10.89
N ARG A 38 1.42 9.10 10.97
CA ARG A 38 2.65 8.51 10.47
C ARG A 38 3.27 7.55 11.49
N ASP A 39 2.87 7.68 12.76
CA ASP A 39 3.22 6.66 13.75
C ASP A 39 2.83 5.29 13.21
N ALA A 40 1.61 5.19 12.71
CA ALA A 40 1.09 3.96 12.15
C ALA A 40 1.97 3.44 11.00
N PHE A 41 2.74 4.34 10.41
CA PHE A 41 3.61 3.95 9.30
C PHE A 41 5.06 3.83 9.74
N SER A 42 5.30 4.13 11.01
CA SER A 42 6.61 3.93 11.62
C SER A 42 7.03 2.47 11.58
N PRO A 43 8.34 2.23 11.45
CA PRO A 43 8.83 0.85 11.42
C PRO A 43 8.78 0.24 12.82
N VAL A 44 8.93 1.09 13.84
CA VAL A 44 8.90 0.63 15.22
C VAL A 44 7.55 -0.02 15.56
N LEU A 45 6.50 0.44 14.90
CA LEU A 45 5.20 -0.17 15.06
C LEU A 45 5.21 -1.62 14.55
N LEU A 46 5.68 -1.78 13.31
CA LEU A 46 5.80 -3.08 12.68
C LEU A 46 6.76 -3.96 13.47
N GLN A 47 7.89 -3.41 13.90
CA GLN A 47 8.83 -4.15 14.75
C GLN A 47 8.11 -4.66 16.02
N PHE A 48 7.24 -3.83 16.56
CA PHE A 48 6.54 -4.17 17.80
C PHE A 48 5.53 -5.33 17.65
N CYS A 49 4.68 -5.21 16.63
CA CYS A 49 3.59 -6.15 16.38
C CYS A 49 4.09 -7.56 16.06
N THR A 50 5.27 -7.60 15.43
CA THR A 50 5.85 -8.84 14.92
C THR A 50 6.91 -9.39 15.85
N ASP A 51 7.25 -8.65 16.90
CA ASP A 51 8.16 -9.21 17.90
C ASP A 51 7.61 -10.53 18.45
N PRO A 52 8.43 -11.59 18.40
CA PRO A 52 8.09 -12.92 18.93
C PRO A 52 7.56 -12.90 20.38
N ARG A 53 8.16 -12.06 21.23
CA ARG A 53 7.76 -11.90 22.60
C ARG A 53 6.34 -11.34 22.74
N ASN A 54 5.80 -10.76 21.66
CA ASN A 54 4.50 -10.08 21.76
C ASN A 54 3.44 -10.85 21.00
N PRO A 55 2.75 -11.76 21.72
CA PRO A 55 1.84 -12.70 21.08
C PRO A 55 0.64 -12.01 20.39
N ILE A 56 0.23 -10.91 20.97
CA ILE A 56 -0.97 -10.23 20.51
C ILE A 56 -0.91 -8.77 20.95
N THR A 57 -1.50 -7.91 20.13
CA THR A 57 -1.39 -6.47 20.32
C THR A 57 -2.68 -5.78 19.87
N VAL A 58 -3.16 -4.81 20.66
CA VAL A 58 -4.29 -3.93 20.29
C VAL A 58 -3.81 -2.57 19.81
N ILE A 59 -4.28 -2.15 18.65
CA ILE A 59 -4.02 -0.78 18.21
C ILE A 59 -5.30 0.01 18.48
N ARG A 60 -5.23 0.96 19.41
CA ARG A 60 -6.41 1.70 19.86
C ARG A 60 -6.73 2.86 18.92
N GLY A 61 -8.02 3.01 18.61
CA GLY A 61 -8.52 4.11 17.78
C GLY A 61 -7.70 4.42 16.54
N LEU A 62 -7.38 3.38 15.77
CA LEU A 62 -6.61 3.56 14.53
C LEU A 62 -7.55 3.98 13.41
N ALA A 63 -8.81 3.56 13.52
CA ALA A 63 -9.82 3.82 12.51
C ALA A 63 -10.25 5.28 12.52
N GLY A 64 -9.67 6.05 13.40
CA GLY A 64 -9.96 7.45 13.42
C GLY A 64 -8.64 8.13 13.21
N SER A 65 -7.58 7.44 13.57
CA SER A 65 -6.27 8.04 13.43
C SER A 65 -5.91 8.18 11.92
N LEU A 66 -6.48 7.31 11.08
CA LEU A 66 -6.34 7.47 9.65
C LEU A 66 -7.67 7.84 8.99
N ARG A 67 -8.69 8.07 9.80
CA ARG A 67 -10.01 8.35 9.27
C ARG A 67 -10.56 7.25 8.37
N LEU A 68 -10.52 6.01 8.85
CA LEU A 68 -11.11 4.92 8.10
C LEU A 68 -12.63 5.03 8.20
N ASN A 69 -13.32 4.87 7.08
CA ASN A 69 -14.77 4.93 7.06
C ASN A 69 -15.41 3.59 7.39
N LEU A 70 -15.39 3.23 8.68
CA LEU A 70 -15.96 1.98 9.13
C LEU A 70 -17.47 1.93 8.87
N GLY A 71 -18.12 3.05 9.08
CA GLY A 71 -19.56 3.15 8.92
C GLY A 71 -20.05 2.26 7.77
N LEU A 72 -19.23 2.16 6.73
CA LEU A 72 -19.59 1.36 5.57
C LEU A 72 -19.83 -0.09 5.98
N PHE A 73 -19.01 -0.59 6.91
CA PHE A 73 -19.15 -1.96 7.37
C PHE A 73 -20.30 -2.10 8.35
N SER A 74 -21.04 -1.00 8.53
CA SER A 74 -22.25 -1.03 9.35
C SER A 74 -23.21 -2.04 8.72
N THR A 75 -23.99 -2.73 9.55
CA THR A 75 -24.95 -3.69 9.04
C THR A 75 -25.88 -3.09 7.99
N LYS A 76 -26.25 -1.85 8.14
CA LYS A 76 -27.11 -1.18 7.22
C LYS A 76 -26.44 -0.94 5.88
N THR A 77 -25.24 -0.41 5.91
CA THR A 77 -24.48 -0.30 4.68
C THR A 77 -24.37 -1.66 3.95
N LEU A 78 -24.19 -2.72 4.72
CA LEU A 78 -24.01 -4.05 4.17
C LEU A 78 -25.27 -4.60 3.54
N VAL A 79 -26.40 -4.41 4.20
CA VAL A 79 -27.63 -5.06 3.74
C VAL A 79 -28.06 -4.61 2.34
N GLU A 80 -27.80 -3.34 2.09
CA GLU A 80 -28.09 -2.72 0.82
C GLU A 80 -26.97 -2.85 -0.16
N ALA A 81 -25.79 -3.26 0.27
CA ALA A 81 -24.70 -3.45 -0.68
C ALA A 81 -25.01 -4.78 -1.35
N SER A 82 -25.32 -5.80 -0.55
CA SER A 82 -26.04 -6.97 -1.04
C SER A 82 -26.58 -7.78 0.12
N GLY A 83 -27.90 -7.80 0.24
CA GLY A 83 -28.56 -8.51 1.32
C GLY A 83 -28.75 -9.99 1.02
N GLU A 84 -28.94 -10.32 -0.25
CA GLU A 84 -29.14 -11.71 -0.64
C GLU A 84 -27.80 -12.39 -0.92
N HIS A 85 -26.73 -11.71 -0.57
CA HIS A 85 -25.42 -12.33 -0.41
C HIS A 85 -25.59 -13.35 0.72
N THR A 86 -24.72 -14.34 0.81
CA THR A 86 -24.97 -15.43 1.75
C THR A 86 -23.97 -15.54 2.91
N VAL A 87 -24.35 -16.31 3.93
CA VAL A 87 -23.61 -16.33 5.18
C VAL A 87 -23.73 -17.66 5.91
N GLU A 88 -22.56 -18.18 6.30
CA GLU A 88 -22.49 -19.28 7.26
C GLU A 88 -23.01 -18.82 8.61
N VAL A 89 -23.74 -19.71 9.29
CA VAL A 89 -24.29 -19.41 10.60
C VAL A 89 -23.79 -20.42 11.61
N ARG A 90 -23.43 -19.95 12.80
CA ARG A 90 -23.28 -20.84 13.94
C ARG A 90 -24.41 -20.65 14.95
N THR A 91 -25.08 -21.75 15.24
CA THR A 91 -26.02 -21.84 16.35
C THR A 91 -25.26 -22.32 17.59
N GLN A 92 -25.34 -21.54 18.66
CA GLN A 92 -24.51 -21.76 19.84
C GLN A 92 -25.37 -21.54 21.06
N VAL A 93 -24.82 -21.85 22.23
CA VAL A 93 -25.48 -21.51 23.47
C VAL A 93 -24.79 -20.38 24.19
N GLN A 94 -25.57 -19.36 24.54
CA GLN A 94 -25.03 -18.17 25.17
C GLN A 94 -24.56 -18.38 26.60
N GLN A 95 -23.33 -17.96 26.87
CA GLN A 95 -22.74 -18.14 28.19
C GLN A 95 -21.86 -16.96 28.59
N PRO A 96 -21.63 -16.79 29.92
CA PRO A 96 -20.58 -15.89 30.40
C PRO A 96 -19.24 -16.19 29.74
N SER A 97 -18.32 -15.23 29.80
CA SER A 97 -17.19 -15.20 28.90
C SER A 97 -16.22 -16.33 29.16
N ASP A 98 -15.60 -16.30 30.33
CA ASP A 98 -14.55 -17.25 30.67
C ASP A 98 -15.10 -18.65 30.97
N GLU A 99 -16.34 -18.94 30.55
CA GLU A 99 -16.90 -20.24 30.92
C GLU A 99 -17.69 -20.99 29.84
N ASN A 100 -17.58 -22.31 29.89
CA ASN A 100 -18.36 -23.17 29.02
C ASN A 100 -18.78 -24.44 29.77
N TRP A 101 -20.07 -24.80 29.72
CA TRP A 101 -20.68 -25.76 30.66
C TRP A 101 -21.40 -26.91 29.97
N ASP A 102 -21.55 -28.02 30.69
CA ASP A 102 -22.47 -29.08 30.29
C ASP A 102 -23.89 -28.57 30.37
N LEU A 103 -24.86 -29.41 30.07
CA LEU A 103 -26.25 -28.98 29.98
C LEU A 103 -26.84 -28.39 31.25
N THR A 104 -26.16 -28.58 32.37
CA THR A 104 -26.77 -28.29 33.66
C THR A 104 -25.99 -27.30 34.52
N GLY A 105 -24.80 -26.92 34.09
CA GLY A 105 -23.95 -26.09 34.93
C GLY A 105 -23.36 -26.87 36.09
N THR A 106 -23.29 -28.18 35.94
CA THR A 106 -22.55 -28.96 36.94
C THR A 106 -21.04 -28.86 36.66
N ARG A 107 -20.68 -28.81 35.38
CA ARG A 107 -19.27 -28.94 35.02
C ARG A 107 -18.84 -28.03 33.91
N GLN A 108 -17.59 -27.59 33.99
CA GLN A 108 -16.99 -26.88 32.88
C GLN A 108 -16.38 -27.91 31.93
N ILE A 109 -16.59 -27.69 30.64
CA ILE A 109 -16.13 -28.64 29.63
C ILE A 109 -15.39 -27.94 28.50
N TRP A 110 -14.54 -28.68 27.79
CA TRP A 110 -13.76 -28.13 26.68
C TRP A 110 -14.56 -28.08 25.39
N PRO A 111 -15.20 -29.20 25.03
CA PRO A 111 -16.05 -29.20 23.83
C PRO A 111 -17.07 -28.05 23.80
N CYS A 112 -17.02 -27.28 22.70
CA CYS A 112 -17.90 -26.14 22.49
C CYS A 112 -18.90 -26.42 21.36
N GLU A 113 -20.17 -26.60 21.70
CA GLU A 113 -21.20 -26.90 20.69
C GLU A 113 -21.38 -25.73 19.71
N SER A 114 -21.23 -25.99 18.42
CA SER A 114 -21.35 -24.89 17.45
C SER A 114 -21.88 -25.42 16.13
N SER A 115 -23.19 -25.49 16.03
CA SER A 115 -23.86 -26.09 14.87
C SER A 115 -23.88 -25.15 13.66
N ARG A 116 -24.06 -25.71 12.48
CA ARG A 116 -23.92 -24.93 11.26
C ARG A 116 -25.18 -24.88 10.36
N SER A 117 -25.30 -23.78 9.62
CA SER A 117 -26.48 -23.47 8.81
C SER A 117 -26.20 -22.27 7.88
N HIS A 118 -27.16 -21.91 7.03
CA HIS A 118 -26.99 -20.81 6.07
C HIS A 118 -28.18 -19.81 5.97
N THR A 119 -27.86 -18.53 5.86
CA THR A 119 -28.86 -17.47 5.56
C THR A 119 -28.30 -16.48 4.56
N THR A 120 -29.03 -15.38 4.36
CA THR A 120 -28.47 -14.21 3.70
C THR A 120 -28.12 -13.16 4.72
N ILE A 121 -27.29 -12.20 4.29
CA ILE A 121 -26.94 -11.04 5.09
C ILE A 121 -28.18 -10.27 5.57
N ALA A 122 -29.09 -9.97 4.64
CA ALA A 122 -30.31 -9.24 4.98
C ALA A 122 -31.11 -9.99 6.05
N LYS A 123 -31.04 -11.31 5.97
CA LYS A 123 -31.80 -12.17 6.84
C LYS A 123 -31.19 -12.15 8.23
N TYR A 124 -29.86 -12.22 8.30
CA TYR A 124 -29.17 -12.23 9.57
C TYR A 124 -29.23 -10.83 10.22
N ALA A 125 -29.36 -9.81 9.38
CA ALA A 125 -29.49 -8.44 9.88
C ALA A 125 -30.83 -8.29 10.59
N GLN A 126 -31.89 -8.85 9.99
CA GLN A 126 -33.18 -8.95 10.66
C GLN A 126 -32.97 -9.51 12.06
N TYR A 127 -32.38 -10.69 12.11
CA TYR A 127 -32.16 -11.40 13.37
C TYR A 127 -31.35 -10.58 14.38
N GLN A 128 -30.23 -10.03 13.93
CA GLN A 128 -29.35 -9.22 14.76
C GLN A 128 -30.10 -8.00 15.38
N ALA A 129 -31.05 -7.46 14.60
CA ALA A 129 -31.79 -6.28 14.99
C ALA A 129 -32.92 -6.67 15.92
N SER A 130 -33.71 -7.67 15.52
CA SER A 130 -34.76 -8.20 16.37
C SER A 130 -34.17 -8.58 17.73
N SER A 131 -33.05 -9.29 17.69
CA SER A 131 -32.42 -9.75 18.91
C SER A 131 -32.12 -8.58 19.83
N PHE A 132 -31.61 -7.49 19.25
CA PHE A 132 -31.30 -6.31 20.02
C PHE A 132 -32.55 -5.60 20.59
N GLN A 133 -33.60 -5.50 19.78
CA GLN A 133 -34.83 -4.86 20.21
C GLN A 133 -35.42 -5.62 21.41
N GLU A 134 -35.38 -6.95 21.32
CA GLU A 134 -35.88 -7.84 22.39
C GLU A 134 -35.18 -7.58 23.71
N SER A 135 -33.85 -7.54 23.68
CA SER A 135 -33.10 -7.28 24.89
C SER A 135 -33.47 -5.90 25.40
N LEU A 136 -33.93 -5.03 24.48
CA LEU A 136 -34.30 -3.66 24.84
C LEU A 136 -35.58 -3.70 25.66
N GLN A 137 -36.64 -4.29 25.10
CA GLN A 137 -37.91 -4.52 25.79
C GLN A 137 -37.79 -5.08 27.22
N GLU A 138 -36.98 -6.12 27.40
CA GLU A 138 -36.81 -6.73 28.71
C GLU A 138 -36.06 -5.78 29.66
N GLU A 139 -35.87 -4.54 29.23
CA GLU A 139 -35.23 -3.53 30.07
C GLU A 139 -36.14 -2.31 30.21
N LEU A 140 -37.05 -2.15 29.25
CA LEU A 140 -38.07 -1.11 29.30
C LEU A 140 -39.29 -1.55 30.08
N GLU A 141 -39.15 -2.65 30.81
CA GLU A 141 -40.15 -3.08 31.77
C GLU A 141 -39.60 -2.79 33.13
N VAL A 142 -38.52 -3.48 33.48
CA VAL A 142 -37.87 -3.28 34.77
C VAL A 142 -37.88 -1.78 35.08
N LEU A 143 -37.47 -0.97 34.10
CA LEU A 143 -37.63 0.47 34.20
C LEU A 143 -39.01 0.75 34.81
N PHE A 144 -40.08 0.46 34.07
CA PHE A 144 -41.44 0.67 34.59
C PHE A 144 -41.90 -0.41 35.59
N GLN A 145 -40.98 -1.25 36.07
CA GLN A 145 -41.34 -2.38 36.97
C GLN A 145 -40.12 -3.21 37.42
N HIS A 166 -31.52 -21.84 28.70
CA HIS A 166 -30.45 -21.64 27.73
C HIS A 166 -30.84 -20.67 26.63
N HIS A 167 -30.02 -19.66 26.44
CA HIS A 167 -30.27 -18.74 25.35
C HIS A 167 -29.57 -19.27 24.11
N ILE A 168 -30.35 -19.55 23.07
CA ILE A 168 -29.78 -19.97 21.81
C ILE A 168 -29.48 -18.78 20.89
N ILE A 169 -28.21 -18.63 20.51
CA ILE A 169 -27.82 -17.53 19.63
C ILE A 169 -27.31 -17.99 18.27
N LYS A 170 -27.43 -17.11 17.28
CA LYS A 170 -26.92 -17.39 15.94
C LYS A 170 -25.87 -16.36 15.58
N PHE A 171 -24.71 -16.86 15.14
CA PHE A 171 -23.55 -16.06 14.82
C PHE A 171 -23.25 -16.12 13.32
N GLY A 172 -23.26 -14.97 12.63
CA GLY A 172 -22.89 -14.88 11.22
C GLY A 172 -21.37 -14.82 11.07
N THR A 173 -20.79 -15.87 10.49
CA THR A 173 -19.34 -16.05 10.52
C THR A 173 -18.68 -16.21 9.12
N ASN A 174 -17.42 -15.82 9.00
CA ASN A 174 -16.68 -15.99 7.75
C ASN A 174 -17.49 -15.56 6.52
N ILE A 175 -17.96 -14.33 6.52
CA ILE A 175 -18.73 -13.81 5.40
C ILE A 175 -17.73 -13.22 4.41
N ASP A 176 -17.86 -13.62 3.14
CA ASP A 176 -16.79 -13.30 2.20
C ASP A 176 -17.01 -12.02 1.40
N LEU A 177 -16.25 -10.99 1.78
CA LEU A 177 -16.24 -9.78 1.00
C LEU A 177 -15.11 -9.88 -0.03
N SER A 178 -15.20 -10.90 -0.89
CA SER A 178 -14.12 -11.16 -1.83
C SER A 178 -14.32 -10.39 -3.12
N ASP A 179 -15.58 -10.24 -3.54
CA ASP A 179 -15.89 -9.62 -4.84
C ASP A 179 -15.62 -8.12 -4.81
N ALA A 180 -14.49 -7.71 -5.40
CA ALA A 180 -13.96 -6.35 -5.28
C ALA A 180 -14.79 -5.35 -6.06
N LYS A 181 -15.81 -5.84 -6.73
CA LYS A 181 -16.69 -5.01 -7.45
C LYS A 181 -17.77 -4.54 -6.53
N ARG A 182 -18.48 -5.52 -6.05
CA ARG A 182 -19.59 -5.42 -5.15
C ARG A 182 -19.28 -4.71 -3.85
N TRP A 183 -18.07 -4.93 -3.37
CA TRP A 183 -17.62 -4.38 -2.08
C TRP A 183 -16.54 -3.32 -2.27
N LYS A 184 -16.64 -2.60 -3.40
CA LYS A 184 -15.59 -1.67 -3.85
C LYS A 184 -15.18 -0.64 -2.79
N PRO A 185 -16.13 0.17 -2.31
CA PRO A 185 -15.76 1.20 -1.33
C PRO A 185 -15.23 0.62 -0.04
N GLN A 186 -15.92 -0.39 0.48
CA GLN A 186 -15.45 -1.12 1.66
C GLN A 186 -13.98 -1.53 1.54
N LEU A 187 -13.60 -2.14 0.42
CA LEU A 187 -12.22 -2.60 0.27
C LEU A 187 -11.25 -1.45 0.05
N GLN A 188 -11.65 -0.49 -0.78
CA GLN A 188 -10.84 0.69 -1.03
C GLN A 188 -10.40 1.34 0.29
N GLU A 189 -11.31 1.38 1.26
CA GLU A 189 -11.00 1.97 2.55
C GLU A 189 -9.74 1.41 3.22
N LEU A 190 -9.56 0.11 3.13
CA LEU A 190 -8.44 -0.54 3.81
C LEU A 190 -7.07 -0.31 3.15
N LEU A 191 -7.05 0.34 1.98
CA LEU A 191 -5.81 0.79 1.36
C LEU A 191 -5.13 1.82 2.24
N LYS A 192 -5.93 2.51 3.07
CA LYS A 192 -5.41 3.60 3.92
C LYS A 192 -4.54 3.08 5.06
N LEU A 193 -4.41 1.77 5.17
CA LEU A 193 -3.68 1.15 6.25
C LEU A 193 -2.18 1.04 5.94
N PRO A 194 -1.36 1.02 7.00
CA PRO A 194 0.07 0.73 6.83
C PRO A 194 0.21 -0.57 6.03
N ALA A 195 1.25 -0.64 5.21
CA ALA A 195 1.40 -1.72 4.22
C ALA A 195 1.32 -3.13 4.81
N PHE A 196 1.95 -3.34 5.96
CA PHE A 196 2.04 -4.67 6.55
C PHE A 196 0.70 -5.18 7.08
N MET A 197 -0.29 -4.30 7.19
CA MET A 197 -1.62 -4.70 7.62
C MET A 197 -2.57 -4.88 6.45
N ARG A 198 -2.11 -4.59 5.25
CA ARG A 198 -3.04 -4.58 4.15
C ARG A 198 -3.38 -5.95 3.61
N VAL A 199 -4.55 -6.05 2.97
CA VAL A 199 -4.93 -7.29 2.32
C VAL A 199 -3.86 -7.74 1.32
N THR A 200 -3.52 -6.85 0.39
CA THR A 200 -2.54 -7.11 -0.64
C THR A 200 -1.34 -6.18 -0.50
N SER A 201 -0.15 -6.74 -0.39
CA SER A 201 1.04 -5.91 -0.27
C SER A 201 2.26 -6.70 -0.76
N THR A 202 3.17 -6.02 -1.46
CA THR A 202 4.35 -6.69 -1.99
C THR A 202 5.13 -7.36 -0.89
N GLY A 203 5.07 -6.78 0.31
CA GLY A 203 5.68 -7.39 1.47
C GLY A 203 4.79 -8.38 2.23
N ASN A 204 3.68 -8.79 1.63
CA ASN A 204 2.77 -9.80 2.19
C ASN A 204 2.95 -11.19 1.53
N MET A 205 3.61 -12.12 2.23
CA MET A 205 3.72 -13.47 1.73
C MET A 205 2.45 -13.98 1.05
N LEU A 206 1.30 -13.61 1.59
CA LEU A 206 0.04 -14.15 1.09
C LEU A 206 -0.36 -13.50 -0.25
N SER A 207 0.32 -12.40 -0.58
CA SER A 207 0.10 -11.74 -1.88
C SER A 207 0.88 -12.49 -2.98
N HIS A 208 1.80 -13.38 -2.57
CA HIS A 208 2.61 -14.15 -3.50
C HIS A 208 2.10 -15.59 -3.71
N VAL A 209 0.83 -15.83 -3.45
CA VAL A 209 0.27 -17.16 -3.60
C VAL A 209 -0.15 -17.43 -5.05
N GLY A 210 -0.48 -16.36 -5.77
CA GLY A 210 -0.90 -16.50 -7.14
C GLY A 210 -2.33 -16.97 -7.31
N HIS A 211 -3.02 -17.21 -6.19
CA HIS A 211 -4.46 -17.41 -6.24
C HIS A 211 -5.15 -16.97 -4.95
N THR A 212 -6.47 -17.02 -4.96
CA THR A 212 -7.24 -16.54 -3.83
C THR A 212 -7.48 -17.61 -2.78
N ILE A 213 -7.04 -17.33 -1.55
CA ILE A 213 -7.42 -18.12 -0.38
C ILE A 213 -8.45 -17.33 0.41
N LEU A 214 -9.74 -17.59 0.17
CA LEU A 214 -10.80 -16.86 0.86
C LEU A 214 -10.62 -16.71 2.39
N GLY A 215 -10.55 -15.47 2.86
CA GLY A 215 -10.45 -15.23 4.28
C GLY A 215 -9.03 -14.99 4.73
N MET A 216 -8.06 -15.41 3.92
CA MET A 216 -6.66 -15.14 4.24
C MET A 216 -6.18 -13.94 3.48
N ASN A 217 -6.28 -13.99 2.15
CA ASN A 217 -5.85 -12.87 1.31
C ASN A 217 -7.05 -12.21 0.67
N THR A 218 -8.22 -12.54 1.19
CA THR A 218 -9.44 -11.75 1.04
C THR A 218 -10.06 -11.45 2.42
N VAL A 219 -10.96 -10.49 2.46
CA VAL A 219 -11.58 -10.09 3.71
C VAL A 219 -12.80 -10.93 4.07
N GLN A 220 -12.83 -11.36 5.33
CA GLN A 220 -14.06 -11.90 5.92
C GLN A 220 -14.74 -10.94 6.92
N LEU A 221 -16.07 -10.99 6.90
CA LEU A 221 -16.89 -10.21 7.80
C LEU A 221 -17.57 -11.10 8.85
N TYR A 222 -17.64 -10.59 10.08
CA TYR A 222 -18.37 -11.27 11.15
C TYR A 222 -19.53 -10.40 11.62
N MET A 223 -20.76 -10.93 11.55
CA MET A 223 -21.93 -10.31 12.21
C MET A 223 -22.30 -11.03 13.52
N LYS A 224 -22.05 -10.39 14.64
CA LYS A 224 -22.25 -11.06 15.94
C LYS A 224 -23.44 -10.54 16.77
N VAL A 225 -23.93 -11.40 17.66
CA VAL A 225 -24.75 -10.95 18.79
C VAL A 225 -24.01 -11.29 20.07
N PRO A 226 -24.45 -10.72 21.21
CA PRO A 226 -23.73 -11.03 22.44
C PRO A 226 -23.67 -12.55 22.64
N GLY A 227 -22.54 -13.07 23.12
CA GLY A 227 -22.38 -14.51 23.27
C GLY A 227 -21.79 -15.21 22.04
N SER A 228 -21.81 -14.54 20.89
CA SER A 228 -21.26 -15.07 19.63
C SER A 228 -19.77 -15.41 19.74
N ARG A 229 -19.46 -16.68 19.50
CA ARG A 229 -18.16 -17.25 19.83
C ARG A 229 -17.33 -17.83 18.66
N THR A 230 -16.05 -17.48 18.65
CA THR A 230 -15.10 -18.13 17.77
C THR A 230 -14.21 -18.93 18.68
N PRO A 231 -14.30 -20.27 18.56
CA PRO A 231 -13.62 -21.19 19.49
C PRO A 231 -12.13 -21.30 19.24
N GLY A 232 -11.43 -22.05 20.11
CA GLY A 232 -9.97 -22.07 20.15
C GLY A 232 -9.35 -22.41 18.80
N HIS A 233 -8.28 -21.72 18.44
CA HIS A 233 -7.54 -22.07 17.23
C HIS A 233 -6.27 -21.29 17.07
N GLN A 234 -5.45 -21.77 16.12
CA GLN A 234 -4.36 -20.98 15.50
C GLN A 234 -4.75 -20.68 14.07
N GLU A 235 -4.18 -19.65 13.48
CA GLU A 235 -4.55 -19.36 12.09
C GLU A 235 -4.07 -20.48 11.16
N ASN A 236 -4.72 -20.63 10.02
CA ASN A 236 -4.19 -21.50 8.98
C ASN A 236 -2.69 -21.24 8.77
N ASN A 237 -1.90 -22.30 8.94
CA ASN A 237 -0.44 -22.23 8.77
C ASN A 237 0.26 -21.17 9.61
N ASN A 238 -0.36 -20.79 10.72
CA ASN A 238 0.27 -19.88 11.67
C ASN A 238 0.49 -18.43 11.17
N PHE A 239 -0.32 -18.02 10.22
CA PHE A 239 -0.24 -16.69 9.68
C PHE A 239 -0.88 -15.63 10.58
N CYS A 240 -0.23 -14.48 10.66
CA CYS A 240 -0.79 -13.33 11.38
C CYS A 240 -2.24 -13.01 10.98
N SER A 241 -2.97 -12.45 11.93
CA SER A 241 -4.33 -12.07 11.65
C SER A 241 -4.50 -10.61 12.04
N VAL A 242 -5.34 -9.90 11.29
CA VAL A 242 -5.68 -8.49 11.56
C VAL A 242 -7.19 -8.39 11.64
N ASN A 243 -7.68 -7.98 12.80
CA ASN A 243 -9.12 -7.92 13.03
C ASN A 243 -9.55 -6.49 13.41
N ILE A 244 -10.54 -5.95 12.70
CA ILE A 244 -11.12 -4.68 13.17
C ILE A 244 -12.56 -4.83 13.63
N ASN A 245 -12.81 -4.32 14.85
CA ASN A 245 -14.15 -4.22 15.39
C ASN A 245 -14.90 -2.98 14.82
N ILE A 246 -15.94 -3.26 14.02
CA ILE A 246 -16.74 -2.20 13.43
C ILE A 246 -17.65 -1.47 14.43
N GLY A 247 -18.18 -2.21 15.41
CA GLY A 247 -19.09 -1.64 16.39
C GLY A 247 -20.49 -2.19 16.24
N PRO A 248 -21.41 -1.73 17.09
CA PRO A 248 -21.08 -0.73 18.11
C PRO A 248 -20.73 -1.39 19.44
N GLY A 249 -20.89 -2.70 19.53
CA GLY A 249 -20.60 -3.43 20.74
C GLY A 249 -19.14 -3.82 20.85
N ASP A 250 -18.78 -4.46 21.96
CA ASP A 250 -17.40 -4.90 22.18
C ASP A 250 -17.16 -6.40 21.96
N CYS A 251 -15.89 -6.77 21.97
CA CYS A 251 -15.46 -8.17 21.87
C CYS A 251 -14.44 -8.45 22.95
N GLU A 252 -14.44 -9.67 23.42
CA GLU A 252 -13.50 -10.06 24.45
C GLU A 252 -12.62 -11.13 23.84
N TRP A 253 -11.31 -10.96 24.02
CA TRP A 253 -10.29 -11.81 23.42
C TRP A 253 -9.55 -12.61 24.49
N PHE A 254 -9.20 -13.86 24.17
CA PHE A 254 -8.27 -14.60 25.02
C PHE A 254 -7.19 -15.09 24.08
N ALA A 255 -5.97 -15.21 24.56
CA ALA A 255 -4.86 -15.58 23.73
C ALA A 255 -3.72 -16.22 24.54
N VAL A 256 -3.02 -17.16 23.92
CA VAL A 256 -1.82 -17.77 24.53
C VAL A 256 -0.68 -17.72 23.51
N HIS A 257 0.55 -17.69 24.01
CA HIS A 257 1.72 -17.68 23.15
C HIS A 257 1.94 -19.05 22.44
N GLU A 258 2.25 -19.00 21.14
CA GLU A 258 2.52 -20.19 20.34
C GLU A 258 3.26 -21.26 21.14
N HIS A 259 4.23 -20.81 21.94
CA HIS A 259 5.05 -21.73 22.73
C HIS A 259 4.23 -22.85 23.40
N TYR A 260 3.02 -22.51 23.85
CA TYR A 260 2.24 -23.40 24.70
C TYR A 260 1.20 -24.20 23.93
N TRP A 261 1.25 -24.14 22.61
CA TRP A 261 0.20 -24.75 21.78
C TRP A 261 0.05 -26.27 21.93
N GLU A 262 1.15 -26.96 22.17
CA GLU A 262 1.08 -28.41 22.21
C GLU A 262 0.44 -28.84 23.51
N THR A 263 0.68 -28.06 24.55
CA THR A 263 0.04 -28.30 25.84
C THR A 263 -1.47 -28.15 25.68
N ILE A 264 -1.90 -27.20 24.87
CA ILE A 264 -3.34 -27.00 24.69
C ILE A 264 -3.98 -28.11 23.87
N SER A 265 -3.27 -28.51 22.81
CA SER A 265 -3.60 -29.68 21.98
C SER A 265 -3.72 -30.95 22.82
N ALA A 266 -2.87 -31.05 23.84
CA ALA A 266 -2.89 -32.23 24.71
C ALA A 266 -4.23 -32.28 25.46
N PHE A 267 -4.71 -31.12 25.87
CA PHE A 267 -6.01 -31.04 26.52
C PHE A 267 -7.08 -31.53 25.56
N CYS A 268 -7.00 -31.05 24.32
CA CYS A 268 -8.00 -31.45 23.32
C CYS A 268 -8.02 -32.97 23.15
N ASP A 269 -6.83 -33.58 23.20
CA ASP A 269 -6.72 -35.04 23.08
C ASP A 269 -7.46 -35.73 24.20
N ARG A 270 -7.15 -35.34 25.44
CA ARG A 270 -7.80 -35.91 26.66
C ARG A 270 -9.32 -35.75 26.66
N HIS A 271 -9.81 -34.63 26.14
CA HIS A 271 -11.25 -34.39 26.24
C HIS A 271 -11.97 -34.82 24.95
N GLY A 272 -11.27 -35.59 24.14
CA GLY A 272 -11.87 -36.19 22.95
C GLY A 272 -12.31 -35.21 21.89
N VAL A 273 -11.55 -34.13 21.73
CA VAL A 273 -11.83 -33.16 20.67
C VAL A 273 -10.57 -32.94 19.85
N ASP A 274 -10.72 -32.95 18.53
CA ASP A 274 -9.60 -32.64 17.66
C ASP A 274 -9.10 -31.17 17.78
N TYR A 275 -7.81 -31.03 18.09
CA TYR A 275 -7.23 -29.74 18.31
C TYR A 275 -7.29 -28.78 17.12
N LEU A 276 -7.09 -29.30 15.92
CA LEU A 276 -6.98 -28.47 14.73
C LEU A 276 -8.29 -28.28 13.98
N THR A 277 -9.25 -29.19 14.15
CA THR A 277 -10.47 -29.09 13.34
C THR A 277 -11.69 -29.18 14.23
N GLY A 278 -11.44 -29.44 15.51
CA GLY A 278 -12.51 -29.46 16.49
C GLY A 278 -12.94 -28.10 17.06
N SER A 279 -14.10 -28.12 17.69
CA SER A 279 -14.68 -26.96 18.33
C SER A 279 -14.42 -27.06 19.84
N TRP A 280 -13.62 -26.15 20.37
CA TRP A 280 -13.28 -26.24 21.80
C TRP A 280 -13.14 -24.85 22.45
N TRP A 281 -13.61 -24.76 23.69
CA TRP A 281 -13.48 -23.54 24.48
C TRP A 281 -12.69 -23.92 25.71
N PRO A 282 -11.48 -23.37 25.85
CA PRO A 282 -10.60 -23.80 26.96
C PRO A 282 -11.18 -23.51 28.34
N ILE A 283 -10.76 -24.31 29.31
CA ILE A 283 -11.08 -24.11 30.72
C ILE A 283 -9.93 -23.34 31.35
N LEU A 284 -10.14 -22.05 31.56
CA LEU A 284 -9.10 -21.17 32.08
C LEU A 284 -8.37 -21.71 33.32
N ASP A 285 -9.09 -22.34 34.24
CA ASP A 285 -8.44 -22.91 35.41
C ASP A 285 -7.47 -24.03 35.04
N ASP A 286 -7.82 -24.82 34.03
CA ASP A 286 -6.89 -25.79 33.50
C ASP A 286 -5.59 -25.12 33.08
N LEU A 287 -5.70 -24.02 32.32
CA LEU A 287 -4.51 -23.34 31.78
C LEU A 287 -3.69 -22.68 32.89
N TYR A 288 -4.37 -22.00 33.81
CA TYR A 288 -3.69 -21.49 35.00
C TYR A 288 -3.04 -22.66 35.75
N ALA A 289 -3.78 -23.75 35.93
CA ALA A 289 -3.27 -24.93 36.62
C ALA A 289 -2.00 -25.46 35.95
N SER A 290 -1.91 -25.29 34.63
CA SER A 290 -0.78 -25.79 33.83
C SER A 290 0.35 -24.78 33.67
N ASN A 291 0.28 -23.69 34.41
CA ASN A 291 1.31 -22.63 34.33
C ASN A 291 1.36 -21.91 32.96
N ILE A 292 0.20 -21.71 32.35
CA ILE A 292 0.09 -21.02 31.06
C ILE A 292 -0.53 -19.63 31.17
N PRO A 293 0.27 -18.58 30.94
CA PRO A 293 -0.25 -17.20 30.96
C PRO A 293 -1.32 -16.99 29.90
N VAL A 294 -2.42 -16.37 30.28
CA VAL A 294 -3.50 -16.09 29.36
C VAL A 294 -3.74 -14.61 29.25
N TYR A 295 -3.70 -14.10 28.05
CA TYR A 295 -4.02 -12.73 27.83
C TYR A 295 -5.52 -12.54 27.75
N ARG A 296 -6.03 -11.55 28.45
CA ARG A 296 -7.44 -11.24 28.46
C ARG A 296 -7.62 -9.78 28.18
N PHE A 297 -8.46 -9.42 27.22
CA PHE A 297 -8.64 -8.03 26.88
C PHE A 297 -9.91 -7.80 26.09
N VAL A 298 -10.34 -6.55 26.12
CA VAL A 298 -11.53 -6.07 25.44
C VAL A 298 -11.15 -5.25 24.19
N GLN A 299 -11.89 -5.46 23.11
CA GLN A 299 -11.62 -4.81 21.86
C GLN A 299 -12.78 -3.89 21.56
N ARG A 300 -12.57 -2.60 21.53
CA ARG A 300 -13.66 -1.70 21.33
C ARG A 300 -13.80 -1.27 19.90
N PRO A 301 -14.95 -0.72 19.53
CA PRO A 301 -15.21 -0.30 18.15
C PRO A 301 -14.05 0.59 17.66
N GLY A 302 -13.49 0.24 16.50
CA GLY A 302 -12.41 0.99 15.86
C GLY A 302 -11.05 0.53 16.36
N ASP A 303 -11.05 -0.37 17.34
CA ASP A 303 -9.82 -1.03 17.77
C ASP A 303 -9.41 -2.18 16.82
N LEU A 304 -8.15 -2.15 16.43
CA LEU A 304 -7.58 -3.21 15.60
C LEU A 304 -6.80 -4.20 16.46
N VAL A 305 -7.15 -5.49 16.35
CA VAL A 305 -6.32 -6.56 16.96
C VAL A 305 -5.27 -7.15 15.96
N TRP A 306 -4.03 -7.23 16.40
CA TRP A 306 -2.97 -7.87 15.61
C TRP A 306 -2.59 -9.16 16.31
N ILE A 307 -2.93 -10.28 15.69
CA ILE A 307 -2.57 -11.58 16.24
C ILE A 307 -1.23 -12.00 15.62
N ASN A 308 -0.18 -12.01 16.44
CA ASN A 308 1.10 -12.47 15.93
C ASN A 308 1.12 -13.96 15.48
N ALA A 309 2.14 -14.33 14.71
CA ALA A 309 2.30 -15.70 14.22
C ALA A 309 2.13 -16.82 15.29
N GLY A 310 1.26 -17.79 15.02
CA GLY A 310 1.12 -18.94 15.90
C GLY A 310 0.42 -18.80 17.26
N THR A 311 -0.30 -17.70 17.43
CA THR A 311 -0.95 -17.41 18.70
C THR A 311 -2.30 -18.13 18.81
N VAL A 312 -2.42 -18.96 19.84
CA VAL A 312 -3.72 -19.60 20.14
C VAL A 312 -4.68 -18.53 20.68
N HIS A 313 -5.89 -18.51 20.12
CA HIS A 313 -6.83 -17.50 20.55
C HIS A 313 -8.27 -17.94 20.43
N TRP A 314 -9.15 -17.19 21.10
CA TRP A 314 -10.60 -17.43 21.03
C TRP A 314 -11.32 -16.20 21.51
N VAL A 315 -12.54 -16.04 21.03
CA VAL A 315 -13.14 -14.70 20.97
C VAL A 315 -14.64 -14.73 21.22
N GLN A 316 -15.12 -13.82 22.07
CA GLN A 316 -16.54 -13.73 22.36
C GLN A 316 -17.04 -12.32 22.14
N ALA A 317 -18.18 -12.20 21.46
CA ALA A 317 -18.89 -10.92 21.38
C ALA A 317 -19.65 -10.65 22.71
N THR A 318 -19.38 -9.49 23.34
CA THR A 318 -20.12 -9.10 24.55
C THR A 318 -21.31 -8.21 24.20
N GLY A 319 -21.24 -7.54 23.06
CA GLY A 319 -22.36 -6.75 22.58
C GLY A 319 -22.83 -7.15 21.19
N TRP A 320 -23.51 -6.22 20.52
CA TRP A 320 -23.87 -6.41 19.11
C TRP A 320 -22.84 -5.67 18.25
N CYS A 321 -22.25 -6.40 17.32
CA CYS A 321 -21.14 -5.86 16.55
C CYS A 321 -20.79 -6.70 15.33
N ASN A 322 -20.04 -6.08 14.44
CA ASN A 322 -19.46 -6.76 13.31
C ASN A 322 -17.97 -6.59 13.41
N ASN A 323 -17.23 -7.61 13.02
CA ASN A 323 -15.80 -7.48 12.86
C ASN A 323 -15.41 -7.68 11.42
N ILE A 324 -14.23 -7.20 11.05
CA ILE A 324 -13.60 -7.60 9.79
C ILE A 324 -12.19 -8.11 10.04
N ALA A 325 -11.80 -9.12 9.29
CA ALA A 325 -10.50 -9.81 9.47
C ALA A 325 -9.99 -10.42 8.17
N TRP A 326 -8.67 -10.60 8.15
CA TRP A 326 -7.97 -11.27 7.06
C TRP A 326 -6.61 -11.65 7.64
N ASN A 327 -5.88 -12.48 6.89
CA ASN A 327 -4.56 -12.93 7.31
C ASN A 327 -3.46 -12.22 6.54
N VAL A 328 -2.38 -11.90 7.24
CA VAL A 328 -1.25 -11.22 6.62
C VAL A 328 0.02 -12.02 6.87
N GLY A 329 0.96 -11.92 5.94
CA GLY A 329 2.20 -12.66 6.04
C GLY A 329 3.41 -11.76 5.91
N PRO A 330 3.74 -11.08 7.01
CA PRO A 330 4.90 -10.19 7.03
C PRO A 330 6.16 -10.99 6.79
N LEU A 331 7.13 -10.40 6.09
CA LEU A 331 8.35 -11.13 5.76
C LEU A 331 9.36 -11.08 6.90
N THR A 332 9.06 -11.83 7.96
CA THR A 332 10.00 -11.96 9.08
C THR A 332 10.40 -13.43 9.22
N ALA A 333 11.55 -13.69 9.84
CA ALA A 333 11.94 -15.05 10.11
C ALA A 333 10.93 -15.83 10.98
N TYR A 334 10.43 -15.20 12.04
CA TYR A 334 9.47 -15.83 12.93
C TYR A 334 8.24 -16.32 12.15
N GLN A 335 7.63 -15.42 11.39
CA GLN A 335 6.42 -15.78 10.66
C GLN A 335 6.72 -16.95 9.75
N TYR A 336 7.85 -16.86 9.07
CA TYR A 336 8.21 -17.88 8.09
C TYR A 336 8.44 -19.25 8.73
N GLN A 337 9.33 -19.30 9.72
CA GLN A 337 9.59 -20.54 10.48
C GLN A 337 8.30 -21.21 10.94
N LEU A 338 7.37 -20.40 11.46
CA LEU A 338 6.11 -20.95 11.98
C LEU A 338 5.17 -21.40 10.89
N ALA A 339 5.19 -20.73 9.74
CA ALA A 339 4.38 -21.18 8.61
C ALA A 339 4.84 -22.54 8.14
N LEU A 340 6.15 -22.78 8.24
CA LEU A 340 6.69 -24.04 7.73
C LEU A 340 6.47 -25.15 8.73
N GLU A 341 6.64 -24.83 10.00
CA GLU A 341 6.42 -25.87 11.02
C GLU A 341 5.00 -26.40 10.94
N ARG A 342 4.04 -25.49 10.75
CA ARG A 342 2.62 -25.85 10.71
C ARG A 342 2.28 -26.60 9.41
N TYR A 343 3.01 -26.23 8.34
CA TYR A 343 2.94 -26.86 7.03
C TYR A 343 3.33 -28.34 7.13
N GLU A 344 4.44 -28.59 7.80
CA GLU A 344 4.85 -29.97 7.97
C GLU A 344 3.96 -30.70 8.96
N TRP A 345 3.68 -30.04 10.08
CA TRP A 345 2.83 -30.66 11.09
C TRP A 345 1.47 -31.01 10.52
N ASN A 346 0.95 -30.18 9.61
CA ASN A 346 -0.35 -30.47 9.01
C ASN A 346 -0.41 -31.84 8.33
N GLU A 347 0.70 -32.19 7.71
CA GLU A 347 0.74 -33.35 6.84
C GLU A 347 1.02 -34.59 7.68
N VAL A 348 1.82 -34.45 8.72
CA VAL A 348 1.88 -35.45 9.79
C VAL A 348 0.48 -35.84 10.28
N LYS A 349 -0.45 -34.89 10.26
CA LYS A 349 -1.79 -35.05 10.84
C LYS A 349 -2.86 -35.24 9.77
N ASN A 350 -2.43 -35.42 8.53
CA ASN A 350 -3.34 -35.57 7.41
C ASN A 350 -4.31 -34.39 7.21
N VAL A 351 -3.82 -33.17 7.47
CA VAL A 351 -4.65 -31.95 7.41
C VAL A 351 -4.19 -30.99 6.31
N LYS A 352 -5.12 -30.60 5.45
CA LYS A 352 -4.74 -29.76 4.36
C LYS A 352 -4.19 -28.41 4.81
N SER A 353 -2.99 -28.13 4.34
CA SER A 353 -2.30 -26.86 4.49
C SER A 353 -2.81 -25.97 3.36
N ILE A 354 -3.61 -24.94 3.66
CA ILE A 354 -4.19 -24.15 2.56
C ILE A 354 -3.30 -23.06 1.93
N VAL A 355 -2.17 -22.78 2.60
CA VAL A 355 -1.14 -21.95 2.04
C VAL A 355 -0.03 -22.89 1.53
N PRO A 356 0.08 -23.03 0.20
CA PRO A 356 1.07 -23.93 -0.42
C PRO A 356 2.49 -23.39 -0.22
N MET A 357 3.02 -23.66 0.95
CA MET A 357 4.30 -23.09 1.37
C MET A 357 5.49 -23.17 0.42
N ILE A 358 5.61 -24.27 -0.32
CA ILE A 358 6.76 -24.42 -1.23
C ILE A 358 6.64 -23.54 -2.48
N HIS A 359 5.47 -23.55 -3.09
CA HIS A 359 5.13 -22.64 -4.19
C HIS A 359 5.26 -21.16 -3.77
N VAL A 360 4.86 -20.87 -2.54
CA VAL A 360 5.00 -19.50 -2.05
C VAL A 360 6.47 -19.11 -1.91
N SER A 361 7.28 -20.00 -1.35
CA SER A 361 8.68 -19.65 -1.10
C SER A 361 9.42 -19.30 -2.38
N TRP A 362 9.19 -20.10 -3.43
CA TRP A 362 9.81 -19.84 -4.73
C TRP A 362 9.29 -18.53 -5.31
N ASN A 363 7.97 -18.27 -5.18
CA ASN A 363 7.41 -17.04 -5.72
C ASN A 363 8.04 -15.85 -5.06
N VAL A 364 8.25 -15.95 -3.74
CA VAL A 364 8.86 -14.88 -2.95
C VAL A 364 10.32 -14.59 -3.33
N ALA A 365 11.14 -15.64 -3.36
CA ALA A 365 12.54 -15.51 -3.75
C ALA A 365 12.70 -14.89 -5.15
N ARG A 366 11.78 -15.23 -6.04
CA ARG A 366 11.79 -14.73 -7.40
C ARG A 366 11.18 -13.33 -7.57
N THR A 367 10.40 -12.86 -6.61
CA THR A 367 9.74 -11.55 -6.79
C THR A 367 10.07 -10.48 -5.73
N VAL A 368 10.76 -10.86 -4.67
CA VAL A 368 10.91 -9.97 -3.52
C VAL A 368 12.34 -9.96 -3.01
N LYS A 369 12.92 -8.78 -2.88
CA LYS A 369 14.26 -8.65 -2.27
C LYS A 369 14.21 -8.79 -0.74
N ILE A 370 15.11 -9.62 -0.20
CA ILE A 370 15.14 -9.91 1.23
C ILE A 370 16.45 -9.39 1.87
N SER A 371 16.33 -8.47 2.82
CA SER A 371 17.49 -7.87 3.48
C SER A 371 17.79 -8.51 4.82
N ASP A 372 16.76 -9.10 5.43
CA ASP A 372 16.88 -9.77 6.72
C ASP A 372 17.56 -11.15 6.67
N PRO A 373 18.77 -11.24 7.22
CA PRO A 373 19.66 -12.40 7.08
C PRO A 373 19.07 -13.72 7.60
N ASP A 374 18.41 -13.67 8.75
CA ASP A 374 17.79 -14.86 9.33
C ASP A 374 16.64 -15.37 8.47
N LEU A 375 15.84 -14.46 7.94
CA LEU A 375 14.76 -14.89 7.05
C LEU A 375 15.34 -15.44 5.75
N PHE A 376 16.44 -14.83 5.29
CA PHE A 376 17.10 -15.24 4.06
C PHE A 376 17.66 -16.66 4.16
N LYS A 377 18.27 -16.99 5.28
CA LYS A 377 18.85 -18.31 5.43
C LYS A 377 17.72 -19.34 5.46
N MET A 378 16.54 -18.93 5.91
CA MET A 378 15.44 -19.88 6.06
C MET A 378 14.81 -20.20 4.73
N ILE A 379 14.56 -19.17 3.94
CA ILE A 379 14.08 -19.43 2.59
C ILE A 379 15.09 -20.21 1.72
N LYS A 380 16.37 -19.90 1.91
CA LYS A 380 17.42 -20.51 1.11
C LYS A 380 17.51 -22.01 1.40
N PHE A 381 17.41 -22.36 2.68
CA PHE A 381 17.41 -23.76 3.09
C PHE A 381 16.25 -24.54 2.48
N CYS A 382 15.08 -23.92 2.53
CA CYS A 382 13.86 -24.54 2.05
C CYS A 382 13.95 -24.80 0.55
N LEU A 383 14.40 -23.82 -0.21
CA LEU A 383 14.56 -23.99 -1.66
C LEU A 383 15.51 -25.14 -1.98
N LEU A 384 16.63 -25.19 -1.25
CA LEU A 384 17.60 -26.25 -1.41
C LEU A 384 16.90 -27.61 -1.28
N GLN A 385 16.19 -27.82 -0.18
CA GLN A 385 15.56 -29.11 0.09
C GLN A 385 14.52 -29.42 -0.95
N SER A 386 13.82 -28.38 -1.39
CA SER A 386 12.86 -28.54 -2.47
C SER A 386 13.58 -29.05 -3.73
N MET A 387 14.80 -28.61 -3.96
CA MET A 387 15.56 -29.01 -5.17
C MET A 387 16.07 -30.44 -5.08
N LYS A 388 16.49 -30.84 -3.88
CA LYS A 388 17.04 -32.17 -3.65
C LYS A 388 15.93 -33.21 -3.80
N HIS A 389 14.77 -32.81 -3.31
CA HIS A 389 13.58 -33.64 -3.34
C HIS A 389 13.09 -33.79 -4.79
N CYS A 390 13.16 -32.69 -5.54
CA CYS A 390 12.81 -32.78 -6.95
C CYS A 390 13.88 -33.64 -7.67
N GLN A 391 15.13 -33.45 -7.29
CA GLN A 391 16.24 -34.22 -7.87
C GLN A 391 16.12 -35.72 -7.62
N VAL A 392 15.77 -36.09 -6.38
CA VAL A 392 15.68 -37.50 -6.01
C VAL A 392 14.53 -38.17 -6.73
N GLN A 393 13.45 -37.43 -6.84
CA GLN A 393 12.23 -37.92 -7.44
C GLN A 393 12.48 -38.20 -8.92
N ARG A 394 13.26 -37.32 -9.56
CA ARG A 394 13.56 -37.44 -10.98
C ARG A 394 14.42 -38.66 -11.29
N GLU A 395 15.45 -38.89 -10.48
CA GLU A 395 16.35 -39.98 -10.77
C GLU A 395 15.60 -41.29 -10.72
N SER A 396 14.84 -41.50 -9.65
CA SER A 396 14.23 -42.79 -9.43
C SER A 396 13.15 -43.04 -10.48
N LEU A 397 12.55 -41.97 -11.00
CA LEU A 397 11.56 -42.13 -12.06
C LEU A 397 12.23 -42.50 -13.39
N VAL A 398 13.29 -41.77 -13.71
CA VAL A 398 14.20 -42.11 -14.80
C VAL A 398 14.68 -43.53 -14.57
N ARG A 399 15.28 -43.76 -13.41
CA ARG A 399 15.89 -45.04 -13.12
C ARG A 399 14.94 -46.21 -13.34
N ALA A 400 13.64 -45.95 -13.22
CA ALA A 400 12.65 -47.02 -13.38
C ALA A 400 11.86 -46.92 -14.68
N GLY A 401 12.46 -46.24 -15.67
CA GLY A 401 11.95 -46.22 -17.02
C GLY A 401 10.75 -45.31 -17.26
N LYS A 402 10.44 -44.48 -16.28
CA LYS A 402 9.27 -43.63 -16.38
C LYS A 402 9.63 -42.40 -17.18
N LYS A 403 8.86 -42.11 -18.22
CA LYS A 403 9.09 -40.87 -18.96
C LYS A 403 8.41 -39.67 -18.26
N ILE A 404 9.08 -38.52 -18.30
CA ILE A 404 8.54 -37.26 -17.73
C ILE A 404 8.41 -36.17 -18.79
N ALA A 405 7.20 -35.88 -19.20
CA ALA A 405 6.92 -34.73 -20.06
C ALA A 405 7.32 -33.41 -19.39
N TYR A 406 7.63 -32.39 -20.18
CA TYR A 406 7.79 -31.04 -19.63
C TYR A 406 6.53 -30.18 -19.82
N GLN A 407 6.04 -29.62 -18.73
CA GLN A 407 4.85 -28.79 -18.74
C GLN A 407 5.27 -27.40 -18.31
N GLY A 408 4.79 -26.39 -19.02
CA GLY A 408 5.11 -25.06 -18.58
C GLY A 408 4.18 -24.64 -17.48
N ARG A 409 4.70 -23.81 -16.58
CA ARG A 409 3.83 -22.98 -15.77
C ARG A 409 3.32 -21.94 -16.75
N VAL A 410 2.01 -21.69 -16.75
CA VAL A 410 1.49 -20.56 -17.49
C VAL A 410 1.33 -19.38 -16.54
N LYS A 411 0.75 -18.29 -17.04
CA LYS A 411 0.58 -17.09 -16.21
C LYS A 411 -0.62 -17.25 -15.29
N ASP A 412 -0.40 -17.04 -13.99
CA ASP A 412 -1.46 -17.17 -13.01
C ASP A 412 -1.95 -18.60 -12.91
N GLU A 413 -1.00 -19.55 -13.05
CA GLU A 413 -1.34 -20.93 -12.78
C GLU A 413 -1.23 -21.13 -11.27
N PRO A 414 -2.22 -21.82 -10.68
CA PRO A 414 -2.29 -22.05 -9.22
C PRO A 414 -1.28 -23.11 -8.78
N ALA A 415 -1.13 -23.26 -7.47
CA ALA A 415 -0.49 -24.44 -6.88
C ALA A 415 -1.39 -25.69 -6.97
N TYR A 416 -0.77 -26.87 -6.89
CA TYR A 416 -1.51 -28.12 -6.99
C TYR A 416 -1.50 -28.88 -5.67
N TYR A 417 -2.37 -29.88 -5.55
CA TYR A 417 -2.57 -30.64 -4.33
C TYR A 417 -3.00 -32.07 -4.67
N CYS A 418 -2.55 -33.08 -3.93
CA CYS A 418 -2.98 -34.46 -4.14
C CYS A 418 -4.48 -34.62 -3.93
N ASN A 419 -5.18 -35.00 -4.99
CA ASN A 419 -6.63 -35.20 -4.91
C ASN A 419 -7.01 -36.14 -3.78
N GLU A 420 -6.02 -36.80 -3.18
CA GLU A 420 -6.26 -37.87 -2.22
C GLU A 420 -5.86 -37.56 -0.79
N CYS A 421 -4.65 -37.03 -0.62
CA CYS A 421 -4.12 -36.75 0.70
C CYS A 421 -4.00 -35.25 0.94
N ASP A 422 -4.28 -34.46 -0.09
CA ASP A 422 -4.34 -33.00 0.04
C ASP A 422 -2.98 -32.36 0.24
N VAL A 423 -1.91 -33.15 0.19
CA VAL A 423 -0.57 -32.57 0.28
C VAL A 423 -0.27 -31.65 -0.95
N GLU A 424 0.52 -30.60 -0.77
CA GLU A 424 0.94 -29.82 -1.93
C GLU A 424 1.82 -30.65 -2.86
N VAL A 425 1.57 -30.57 -4.16
CA VAL A 425 2.43 -31.22 -5.14
C VAL A 425 3.19 -30.14 -5.88
N PHE A 426 4.52 -30.22 -5.86
CA PHE A 426 5.35 -29.20 -6.47
C PHE A 426 6.32 -29.68 -7.55
N ASN A 427 6.33 -28.96 -8.67
CA ASN A 427 7.24 -29.22 -9.78
C ASN A 427 6.90 -30.47 -10.59
N ILE A 428 6.86 -31.62 -9.91
CA ILE A 428 6.54 -32.86 -10.60
C ILE A 428 5.12 -33.25 -10.25
N LEU A 429 4.28 -33.36 -11.27
CA LEU A 429 2.87 -33.65 -11.08
C LEU A 429 2.47 -34.97 -11.68
N PHE A 430 1.76 -35.78 -10.89
CA PHE A 430 1.28 -37.08 -11.37
C PHE A 430 -0.16 -36.83 -11.75
N VAL A 431 -0.56 -37.29 -12.93
CA VAL A 431 -1.87 -36.93 -13.43
C VAL A 431 -2.62 -38.12 -14.03
N THR A 432 -3.95 -38.12 -13.85
CA THR A 432 -4.85 -39.08 -14.51
C THR A 432 -6.12 -38.39 -15.03
N SER A 433 -6.91 -39.12 -15.80
CA SER A 433 -8.21 -38.63 -16.24
C SER A 433 -9.32 -39.63 -15.90
N THR A 440 -11.01 -32.64 -16.81
CA THR A 440 -11.29 -34.02 -16.41
C THR A 440 -10.01 -34.75 -15.95
N TYR A 441 -8.94 -33.97 -15.74
CA TYR A 441 -7.65 -34.46 -15.29
C TYR A 441 -7.46 -34.31 -13.77
N LEU A 442 -6.82 -35.29 -13.13
CA LEU A 442 -6.55 -35.22 -11.70
C LEU A 442 -5.05 -35.23 -11.38
N VAL A 443 -4.67 -34.50 -10.32
CA VAL A 443 -3.28 -34.44 -9.87
C VAL A 443 -3.07 -35.18 -8.54
N HIS A 444 -1.94 -35.85 -8.40
CA HIS A 444 -1.67 -36.64 -7.20
C HIS A 444 -0.22 -36.44 -6.78
N CYS A 445 0.10 -36.74 -5.53
CA CYS A 445 1.48 -36.97 -5.14
C CYS A 445 1.83 -38.40 -5.59
N GLU A 446 3.12 -38.72 -5.52
CA GLU A 446 3.60 -40.01 -6.04
C GLU A 446 2.96 -41.20 -5.31
N GLY A 447 2.91 -41.14 -3.97
CA GLY A 447 2.43 -42.27 -3.20
C GLY A 447 1.03 -42.63 -3.66
N CYS A 448 0.18 -41.61 -3.71
CA CYS A 448 -1.24 -41.75 -4.05
C CYS A 448 -1.42 -42.25 -5.49
N ALA A 449 -0.40 -42.04 -6.30
CA ALA A 449 -0.40 -42.46 -7.68
C ALA A 449 0.05 -43.93 -7.79
N ARG A 450 1.10 -44.24 -7.08
CA ARG A 450 1.53 -45.59 -7.06
C ARG A 450 0.45 -46.46 -6.47
N ARG A 451 0.04 -46.10 -5.28
CA ARG A 451 -0.80 -46.93 -4.52
C ARG A 451 -2.06 -47.05 -5.29
N ARG A 452 -2.26 -46.22 -6.26
CA ARG A 452 -3.35 -46.49 -7.12
C ARG A 452 -2.97 -47.05 -8.49
N SER A 453 -1.69 -47.27 -8.73
CA SER A 453 -1.20 -48.05 -9.83
C SER A 453 0.17 -48.46 -9.46
N ALA A 454 0.49 -49.72 -9.52
CA ALA A 454 1.77 -50.14 -8.99
C ALA A 454 2.94 -49.53 -9.70
N GLY A 455 2.89 -49.54 -11.00
CA GLY A 455 3.97 -49.10 -11.87
C GLY A 455 3.68 -47.75 -12.53
N LEU A 456 2.69 -47.04 -12.00
CA LEU A 456 2.29 -45.75 -12.53
C LEU A 456 1.73 -45.86 -13.95
N GLN A 457 1.20 -47.03 -14.32
CA GLN A 457 0.57 -47.19 -15.64
C GLN A 457 -0.67 -46.32 -15.67
N GLY A 458 -0.92 -45.64 -16.78
CA GLY A 458 -2.07 -44.75 -16.89
C GLY A 458 -1.84 -43.48 -16.09
N VAL A 459 -0.62 -43.34 -15.61
CA VAL A 459 -0.20 -42.10 -14.97
C VAL A 459 0.74 -41.31 -15.86
N VAL A 460 0.28 -40.15 -16.30
CA VAL A 460 1.15 -39.19 -16.95
C VAL A 460 1.98 -38.55 -15.85
N VAL A 461 3.24 -38.22 -16.12
CA VAL A 461 4.04 -37.45 -15.17
C VAL A 461 4.56 -36.17 -15.85
N LEU A 462 4.31 -35.03 -15.20
CA LEU A 462 4.66 -33.72 -15.76
C LEU A 462 5.74 -33.06 -14.93
N GLU A 463 6.61 -32.31 -15.61
CA GLU A 463 7.62 -31.50 -14.95
C GLU A 463 7.32 -30.03 -15.29
N GLN A 464 7.29 -29.17 -14.26
CA GLN A 464 6.98 -27.75 -14.47
C GLN A 464 8.22 -26.83 -14.43
N TYR A 465 9.25 -27.23 -13.69
CA TYR A 465 10.51 -26.51 -13.65
C TYR A 465 11.63 -27.51 -13.82
N ARG A 466 12.36 -27.41 -14.93
CA ARG A 466 13.59 -28.19 -15.10
C ARG A 466 14.58 -27.82 -13.99
N THR A 467 15.45 -28.77 -13.68
CA THR A 467 16.48 -28.58 -12.67
C THR A 467 17.13 -27.20 -12.80
N GLU A 468 17.40 -26.82 -14.04
CA GLU A 468 18.13 -25.59 -14.35
C GLU A 468 17.33 -24.31 -14.07
N GLU A 469 16.01 -24.39 -14.18
CA GLU A 469 15.18 -23.24 -13.86
C GLU A 469 15.27 -22.96 -12.36
N LEU A 470 15.15 -24.02 -11.58
CA LEU A 470 15.24 -23.92 -10.12
C LEU A 470 16.64 -23.54 -9.64
N ALA A 471 17.65 -24.08 -10.32
CA ALA A 471 19.05 -23.86 -9.94
C ALA A 471 19.42 -22.42 -10.17
N GLN A 472 19.02 -21.91 -11.32
CA GLN A 472 19.32 -20.51 -11.65
C GLN A 472 18.55 -19.54 -10.75
N ALA A 473 17.25 -19.78 -10.58
CA ALA A 473 16.45 -18.99 -9.62
C ALA A 473 17.12 -18.99 -8.24
N TYR A 474 17.53 -20.17 -7.77
CA TYR A 474 18.21 -20.30 -6.49
C TYR A 474 19.48 -19.45 -6.34
N ASP A 475 20.35 -19.49 -7.35
CA ASP A 475 21.62 -18.78 -7.31
C ASP A 475 21.42 -17.28 -7.48
N ALA A 476 20.37 -16.91 -8.21
CA ALA A 476 20.03 -15.52 -8.43
C ALA A 476 19.57 -14.88 -7.10
N PHE A 477 19.13 -15.73 -6.17
CA PHE A 477 18.56 -15.31 -4.89
C PHE A 477 19.61 -14.98 -3.82
N THR A 478 19.82 -13.69 -3.60
CA THR A 478 20.87 -13.23 -2.69
C THR A 478 20.35 -12.20 -1.69
N LEU A 479 21.13 -12.01 -0.63
CA LEU A 479 20.77 -11.11 0.44
C LEU A 479 20.95 -9.65 0.03
N ALA A 480 19.86 -8.90 0.09
CA ALA A 480 19.91 -7.45 -0.08
C ALA A 480 20.51 -6.77 1.15
N PRO A 481 21.45 -5.84 0.95
CA PRO A 481 21.94 -5.08 2.10
C PRO A 481 20.98 -3.95 2.43
N GLU B 1 -19.26 20.10 -0.10
CA GLU B 1 -18.10 20.59 0.64
C GLU B 1 -16.82 20.64 -0.15
N SER B 2 -16.76 20.01 -1.29
CA SER B 2 -15.57 20.26 -2.10
C SER B 2 -15.26 21.76 -2.28
N TYR B 3 -14.00 22.04 -2.59
CA TYR B 3 -13.59 23.37 -3.05
C TYR B 3 -13.81 23.46 -4.56
N LEU B 4 -14.45 22.44 -5.15
CA LEU B 4 -14.68 22.40 -6.61
C LEU B 4 -16.17 22.27 -6.94
N SER B 5 -16.56 22.84 -8.07
CA SER B 5 -17.96 22.82 -8.48
C SER B 5 -18.04 21.92 -9.70
N PRO B 6 -18.62 20.72 -9.54
CA PRO B 6 -18.57 19.72 -10.61
C PRO B 6 -19.06 20.30 -11.94
N ALA B 7 -20.03 21.20 -11.88
CA ALA B 7 -20.64 21.79 -13.05
C ALA B 7 -19.64 22.61 -13.85
N GLN B 8 -18.52 23.00 -13.24
CA GLN B 8 -17.51 23.88 -13.87
C GLN B 8 -16.36 23.13 -14.49
N SER B 9 -16.38 21.81 -14.42
CA SER B 9 -15.31 21.01 -15.02
C SER B 9 -15.02 21.44 -16.45
N VAL B 10 -13.74 21.63 -16.77
CA VAL B 10 -13.32 21.87 -18.14
C VAL B 10 -12.54 20.67 -18.64
N LYS B 11 -12.68 19.54 -17.94
CA LYS B 11 -11.95 18.33 -18.30
C LYS B 11 -12.49 17.77 -19.61
N PRO B 12 -11.59 17.42 -20.56
CA PRO B 12 -12.02 16.96 -21.88
C PRO B 12 -12.81 15.67 -21.80
N LYS B 13 -13.84 15.57 -22.62
CA LYS B 13 -14.72 14.42 -22.58
C LYS B 13 -14.23 13.24 -23.42
N ILE B 14 -13.87 12.16 -22.73
CA ILE B 14 -13.28 11.04 -23.43
C ILE B 14 -14.06 9.73 -23.22
N GLU B 18 -15.59 2.21 -25.20
CA GLU B 18 -15.40 3.24 -26.22
C GLU B 18 -14.71 2.65 -27.46
N LYS B 19 -14.64 1.33 -27.51
CA LYS B 19 -13.41 0.63 -27.91
C LYS B 19 -12.53 1.32 -28.96
N LEU B 20 -11.26 0.89 -29.01
CA LEU B 20 -10.22 1.65 -29.66
C LEU B 20 -9.24 0.80 -30.48
N PRO B 21 -9.07 1.16 -31.77
CA PRO B 21 -8.13 0.47 -32.68
C PRO B 21 -6.69 0.69 -32.27
N ARG B 22 -5.85 -0.29 -32.60
CA ARG B 22 -4.45 -0.29 -32.18
C ARG B 22 -3.70 1.03 -32.42
N GLU B 23 -3.69 1.47 -33.68
CA GLU B 23 -2.91 2.63 -34.09
C GLU B 23 -3.07 3.86 -33.19
N LYS B 24 -4.25 4.02 -32.59
CA LYS B 24 -4.46 5.14 -31.67
C LYS B 24 -4.06 4.77 -30.23
N LEU B 25 -3.77 3.49 -30.02
CA LEU B 25 -3.19 3.01 -28.77
C LEU B 25 -1.71 3.37 -28.74
N ASN B 26 -1.17 3.69 -29.91
CA ASN B 26 0.16 4.27 -30.01
C ASN B 26 0.11 5.62 -30.70
N PRO B 27 -0.36 6.64 -29.99
CA PRO B 27 -0.50 8.01 -30.49
C PRO B 27 0.86 8.65 -30.75
N PRO B 28 0.94 9.47 -31.80
CA PRO B 28 2.17 10.25 -32.07
C PRO B 28 2.29 11.37 -31.05
N THR B 29 3.51 11.62 -30.60
CA THR B 29 3.77 12.65 -29.61
C THR B 29 4.03 13.98 -30.31
N PRO B 30 3.19 14.99 -30.00
CA PRO B 30 3.32 16.32 -30.61
C PRO B 30 4.73 16.87 -30.47
N SER B 31 5.46 16.90 -31.58
CA SER B 31 6.77 17.54 -31.59
C SER B 31 6.63 18.90 -32.26
N ILE B 32 7.43 19.86 -31.80
CA ILE B 32 7.37 21.22 -32.30
C ILE B 32 8.78 21.76 -32.53
N TYR B 33 8.96 22.50 -33.61
CA TYR B 33 10.29 23.04 -33.89
C TYR B 33 10.21 24.57 -34.00
N LEU B 34 11.13 25.27 -33.32
CA LEU B 34 11.08 26.74 -33.28
C LEU B 34 12.04 27.44 -34.25
N GLU B 35 11.54 27.79 -35.42
CA GLU B 35 12.37 28.44 -36.43
C GLU B 35 12.82 29.82 -35.95
N SER B 36 11.85 30.66 -35.60
CA SER B 36 12.11 31.95 -34.98
C SER B 36 12.21 31.75 -33.47
N LYS B 37 12.83 32.72 -32.81
CA LYS B 37 12.98 32.71 -31.39
C LYS B 37 11.80 33.39 -30.84
N ARG B 38 11.11 34.12 -31.68
CA ARG B 38 9.91 34.80 -31.23
C ARG B 38 8.73 33.82 -31.17
N ASP B 39 8.73 32.82 -32.05
CA ASP B 39 7.72 31.75 -31.97
C ASP B 39 7.65 31.22 -30.55
N ALA B 40 8.81 31.00 -29.95
CA ALA B 40 8.89 30.52 -28.58
C ALA B 40 8.09 31.40 -27.61
N PHE B 41 7.96 32.67 -27.96
CA PHE B 41 7.22 33.61 -27.13
C PHE B 41 5.82 33.89 -27.67
N SER B 42 5.43 33.12 -28.68
CA SER B 42 4.06 33.14 -29.17
C SER B 42 3.09 32.55 -28.14
N PRO B 43 1.84 33.04 -28.19
CA PRO B 43 0.73 32.51 -27.40
C PRO B 43 0.22 31.20 -28.01
N VAL B 44 0.49 31.01 -29.30
CA VAL B 44 0.09 29.80 -30.00
C VAL B 44 0.77 28.58 -29.41
N LEU B 45 2.05 28.73 -29.09
CA LEU B 45 2.84 27.69 -28.46
C LEU B 45 2.25 27.35 -27.09
N LEU B 46 2.04 28.39 -26.28
CA LEU B 46 1.47 28.27 -24.94
C LEU B 46 0.06 27.66 -24.93
N GLN B 47 -0.82 28.13 -25.81
CA GLN B 47 -2.17 27.56 -25.84
C GLN B 47 -2.13 26.17 -26.45
N PHE B 48 -0.97 25.77 -26.96
CA PHE B 48 -0.79 24.42 -27.48
C PHE B 48 -0.32 23.44 -26.38
N CYS B 49 0.68 23.87 -25.61
CA CYS B 49 1.26 23.02 -24.55
C CYS B 49 0.22 22.78 -23.47
N THR B 50 -0.59 23.81 -23.19
CA THR B 50 -1.60 23.78 -22.14
C THR B 50 -2.96 23.19 -22.57
N ASP B 51 -3.17 22.98 -23.86
CA ASP B 51 -4.43 22.37 -24.30
C ASP B 51 -4.62 21.00 -23.66
N PRO B 52 -5.80 20.79 -23.04
CA PRO B 52 -6.12 19.56 -22.31
C PRO B 52 -5.97 18.29 -23.15
N ARG B 53 -6.19 18.41 -24.46
CA ARG B 53 -6.09 17.27 -25.38
C ARG B 53 -4.65 16.85 -25.65
N ASN B 54 -3.68 17.74 -25.41
CA ASN B 54 -2.25 17.40 -25.55
C ASN B 54 -1.62 17.10 -24.19
N PRO B 55 -1.54 15.81 -23.83
CA PRO B 55 -1.07 15.41 -22.51
C PRO B 55 0.39 15.76 -22.34
N ILE B 56 1.11 15.76 -23.46
CA ILE B 56 2.54 15.93 -23.41
C ILE B 56 3.05 16.40 -24.76
N THR B 57 4.09 17.21 -24.70
CA THR B 57 4.58 17.89 -25.88
C THR B 57 6.11 18.02 -25.82
N VAL B 58 6.79 17.78 -26.94
CA VAL B 58 8.24 18.01 -26.99
C VAL B 58 8.60 19.16 -27.91
N ILE B 59 9.42 20.07 -27.39
CA ILE B 59 9.95 21.17 -28.17
C ILE B 59 11.33 20.77 -28.60
N ARG B 60 11.52 20.66 -29.91
CA ARG B 60 12.77 20.18 -30.48
C ARG B 60 13.74 21.33 -30.64
N GLY B 61 14.99 21.10 -30.25
CA GLY B 61 16.07 22.08 -30.44
C GLY B 61 15.78 23.47 -29.90
N LEU B 62 15.20 23.52 -28.70
CA LEU B 62 14.84 24.79 -28.08
C LEU B 62 16.08 25.53 -27.56
N ALA B 63 17.02 24.78 -26.98
CA ALA B 63 18.29 25.33 -26.49
C ALA B 63 19.10 25.84 -27.67
N GLY B 64 18.73 25.36 -28.83
CA GLY B 64 19.28 25.93 -30.02
C GLY B 64 18.71 27.31 -30.13
N SER B 65 17.40 27.37 -30.37
CA SER B 65 16.75 28.57 -30.88
C SER B 65 16.83 29.78 -29.95
N LEU B 66 16.89 29.57 -28.63
CA LEU B 66 17.13 30.70 -27.74
C LEU B 66 18.60 30.87 -27.36
N ARG B 67 19.46 29.98 -27.85
CA ARG B 67 20.88 30.04 -27.55
C ARG B 67 21.15 29.80 -26.06
N LEU B 68 20.66 28.71 -25.51
CA LEU B 68 20.98 28.32 -24.13
C LEU B 68 22.28 27.54 -24.01
N ASN B 69 23.20 28.01 -23.17
CA ASN B 69 24.40 27.25 -22.84
C ASN B 69 24.10 26.08 -21.88
N LEU B 70 23.61 24.98 -22.45
CA LEU B 70 23.44 23.76 -21.68
C LEU B 70 24.75 23.26 -21.08
N GLY B 71 25.86 23.55 -21.76
CA GLY B 71 27.18 23.29 -21.20
C GLY B 71 27.34 23.66 -19.75
N LEU B 72 26.58 24.63 -19.26
CA LEU B 72 26.60 25.00 -17.84
C LEU B 72 26.09 23.86 -16.94
N PHE B 73 25.42 22.90 -17.57
CA PHE B 73 24.85 21.75 -16.84
C PHE B 73 25.56 20.44 -17.19
N SER B 74 26.63 20.55 -17.96
CA SER B 74 27.54 19.43 -18.19
C SER B 74 28.08 18.95 -16.85
N THR B 75 28.37 17.66 -16.74
CA THR B 75 28.85 17.09 -15.48
C THR B 75 30.12 17.79 -14.97
N LYS B 76 30.98 18.20 -15.88
CA LYS B 76 32.26 18.81 -15.51
C LYS B 76 32.06 20.20 -14.89
N THR B 77 31.21 20.99 -15.54
CA THR B 77 30.85 22.28 -15.03
C THR B 77 30.28 22.12 -13.61
N LEU B 78 29.39 21.14 -13.42
CA LEU B 78 28.75 20.93 -12.13
C LEU B 78 29.77 20.54 -11.09
N VAL B 79 30.65 19.62 -11.46
CA VAL B 79 31.68 19.16 -10.55
C VAL B 79 32.61 20.32 -10.13
N GLU B 80 33.01 21.14 -11.10
CA GLU B 80 33.79 22.35 -10.84
C GLU B 80 33.07 23.31 -9.88
N ALA B 81 31.75 23.31 -9.92
CA ALA B 81 30.96 24.29 -9.17
C ALA B 81 30.67 23.86 -7.73
N SER B 82 30.33 22.59 -7.53
CA SER B 82 30.07 22.11 -6.18
C SER B 82 30.19 20.60 -6.09
N GLY B 83 31.42 20.12 -5.91
CA GLY B 83 31.69 18.69 -5.83
C GLY B 83 31.15 17.97 -4.60
N GLU B 84 31.30 18.58 -3.42
CA GLU B 84 30.81 18.00 -2.18
C GLU B 84 29.30 18.19 -1.99
N HIS B 85 28.66 18.82 -2.96
CA HIS B 85 27.22 18.99 -2.93
C HIS B 85 26.53 17.61 -2.92
N THR B 86 25.67 17.37 -1.92
CA THR B 86 24.97 16.08 -1.79
C THR B 86 24.08 15.67 -2.98
N VAL B 87 23.95 14.36 -3.17
CA VAL B 87 23.13 13.81 -4.23
C VAL B 87 22.39 12.53 -3.77
N GLU B 88 21.08 12.51 -3.85
CA GLU B 88 20.44 11.26 -3.49
C GLU B 88 20.35 10.28 -4.67
N VAL B 89 20.55 9.02 -4.38
CA VAL B 89 20.82 7.99 -5.38
C VAL B 89 19.66 7.01 -5.34
N ARG B 90 19.21 6.55 -6.51
CA ARG B 90 18.46 5.31 -6.61
C ARG B 90 19.33 4.17 -7.14
N THR B 91 19.25 3.00 -6.52
CA THR B 91 19.99 1.87 -7.03
C THR B 91 19.03 0.92 -7.66
N GLN B 92 19.23 0.59 -8.92
CA GLN B 92 18.20 -0.11 -9.66
C GLN B 92 18.82 -1.23 -10.45
N VAL B 93 17.97 -2.07 -11.03
CA VAL B 93 18.45 -3.11 -11.95
C VAL B 93 18.17 -2.72 -13.39
N GLN B 94 19.20 -2.70 -14.22
CA GLN B 94 19.01 -2.31 -15.61
C GLN B 94 18.09 -3.26 -16.36
N GLN B 95 17.16 -2.69 -17.13
CA GLN B 95 16.22 -3.48 -17.93
C GLN B 95 16.25 -3.02 -19.38
N PRO B 96 16.35 -3.97 -20.29
CA PRO B 96 16.41 -3.64 -21.73
C PRO B 96 15.12 -3.05 -22.27
N SER B 97 15.24 -1.98 -23.05
CA SER B 97 14.08 -1.35 -23.69
C SER B 97 13.00 -1.00 -22.68
N ASP B 98 11.75 -1.30 -23.02
CA ASP B 98 10.59 -1.04 -22.15
C ASP B 98 10.37 -1.84 -20.84
N GLU B 99 10.67 -3.13 -20.86
CA GLU B 99 10.28 -4.11 -19.83
C GLU B 99 10.87 -4.08 -18.41
N ASN B 100 10.05 -4.58 -17.47
CA ASN B 100 10.41 -4.80 -16.06
C ASN B 100 10.14 -6.27 -15.70
N TRP B 101 11.04 -6.91 -14.97
CA TRP B 101 10.95 -8.36 -14.77
C TRP B 101 11.17 -8.75 -13.32
N ASP B 102 10.71 -9.96 -12.98
CA ASP B 102 11.11 -10.61 -11.72
C ASP B 102 12.53 -11.12 -11.87
N LEU B 103 13.05 -11.72 -10.82
CA LEU B 103 14.48 -12.03 -10.78
C LEU B 103 14.96 -12.91 -11.92
N THR B 104 14.03 -13.56 -12.62
CA THR B 104 14.40 -14.62 -13.54
C THR B 104 13.95 -14.36 -14.98
N GLY B 105 13.28 -13.24 -15.24
CA GLY B 105 12.67 -13.04 -16.55
C GLY B 105 11.62 -14.12 -16.83
N THR B 106 10.94 -14.55 -15.77
CA THR B 106 9.76 -15.40 -15.90
C THR B 106 8.57 -14.54 -16.30
N ARG B 107 8.42 -13.42 -15.60
CA ARG B 107 7.21 -12.65 -15.72
C ARG B 107 7.44 -11.16 -15.59
N GLN B 108 6.53 -10.41 -16.19
CA GLN B 108 6.55 -8.95 -16.16
C GLN B 108 5.86 -8.58 -14.84
N ILE B 109 6.42 -7.60 -14.13
CA ILE B 109 5.83 -7.16 -12.87
C ILE B 109 5.74 -5.65 -12.79
N TRP B 110 4.78 -5.18 -12.01
CA TRP B 110 4.59 -3.74 -11.80
C TRP B 110 5.59 -3.18 -10.79
N PRO B 111 5.73 -3.81 -9.63
CA PRO B 111 6.68 -3.28 -8.64
C PRO B 111 8.09 -3.10 -9.20
N CYS B 112 8.56 -1.86 -9.08
CA CYS B 112 9.85 -1.44 -9.63
C CYS B 112 10.85 -1.20 -8.49
N GLU B 113 11.84 -2.07 -8.33
CA GLU B 113 12.78 -1.91 -7.22
C GLU B 113 13.56 -0.59 -7.35
N SER B 114 13.65 0.16 -6.26
CA SER B 114 14.78 1.07 -6.01
C SER B 114 15.38 0.90 -4.62
N SER B 115 16.70 0.78 -4.54
CA SER B 115 17.46 1.22 -3.37
C SER B 115 17.58 2.73 -3.23
N ARG B 116 17.79 3.20 -2.01
CA ARG B 116 18.02 4.61 -1.73
C ARG B 116 19.32 4.84 -0.95
N SER B 117 20.06 5.89 -1.30
CA SER B 117 21.42 6.08 -0.80
C SER B 117 21.83 7.52 -1.09
N HIS B 118 23.00 7.93 -0.59
CA HIS B 118 23.54 9.28 -0.84
C HIS B 118 25.05 9.32 -1.24
N THR B 119 25.43 10.35 -1.99
CA THR B 119 26.85 10.70 -2.26
C THR B 119 26.96 12.17 -2.56
N THR B 120 28.05 12.49 -3.25
CA THR B 120 28.27 13.85 -3.77
C THR B 120 28.28 13.85 -5.29
N ILE B 121 28.00 15.01 -5.85
CA ILE B 121 28.08 15.25 -7.28
C ILE B 121 29.41 14.74 -7.85
N ALA B 122 30.52 15.14 -7.24
CA ALA B 122 31.82 14.69 -7.73
C ALA B 122 31.92 13.15 -7.72
N LYS B 123 31.46 12.52 -6.66
CA LYS B 123 31.52 11.06 -6.60
C LYS B 123 30.62 10.38 -7.63
N TYR B 124 29.43 10.93 -7.85
CA TYR B 124 28.53 10.36 -8.85
C TYR B 124 29.12 10.55 -10.24
N ALA B 125 29.78 11.69 -10.45
CA ALA B 125 30.46 11.98 -11.73
C ALA B 125 31.52 10.94 -12.05
N GLN B 126 32.27 10.54 -11.02
CA GLN B 126 33.29 9.50 -11.15
C GLN B 126 32.60 8.23 -11.63
N TYR B 127 31.56 7.84 -10.89
CA TYR B 127 30.81 6.66 -11.28
C TYR B 127 30.33 6.77 -12.73
N GLN B 128 29.60 7.85 -13.02
CA GLN B 128 29.07 8.12 -14.34
C GLN B 128 30.11 7.95 -15.47
N ALA B 129 31.35 8.40 -15.22
CA ALA B 129 32.40 8.35 -16.22
C ALA B 129 33.00 6.95 -16.31
N SER B 130 33.29 6.38 -15.13
CA SER B 130 33.75 5.00 -15.03
C SER B 130 32.78 4.09 -15.76
N SER B 131 31.50 4.33 -15.50
CA SER B 131 30.42 3.57 -16.12
C SER B 131 30.58 3.56 -17.65
N PHE B 132 30.71 4.78 -18.19
CA PHE B 132 30.89 4.97 -19.61
C PHE B 132 32.15 4.32 -20.18
N GLN B 133 33.29 4.54 -19.53
CA GLN B 133 34.55 3.98 -19.97
C GLN B 133 34.43 2.46 -20.05
N GLU B 134 33.95 1.87 -18.95
CA GLU B 134 33.73 0.42 -18.90
C GLU B 134 32.96 -0.08 -20.13
N SER B 135 31.84 0.57 -20.40
CA SER B 135 31.03 0.20 -21.56
C SER B 135 31.82 0.33 -22.87
N LEU B 136 32.66 1.36 -22.95
CA LEU B 136 33.43 1.64 -24.17
C LEU B 136 34.60 0.67 -24.28
N GLN B 137 35.31 0.53 -23.19
CA GLN B 137 36.46 -0.30 -23.13
C GLN B 137 36.11 -1.72 -23.50
N GLU B 138 34.84 -2.05 -23.48
CA GLU B 138 34.50 -3.41 -23.75
C GLU B 138 34.00 -3.58 -25.15
N GLU B 139 33.52 -2.52 -25.75
CA GLU B 139 33.11 -2.54 -27.13
C GLU B 139 34.35 -2.49 -27.97
N LEU B 140 35.40 -2.02 -27.35
CA LEU B 140 36.72 -1.83 -27.94
C LEU B 140 37.51 -3.14 -28.01
N GLU B 141 37.01 -4.15 -27.32
CA GLU B 141 37.67 -5.46 -27.31
C GLU B 141 36.93 -6.46 -28.18
N VAL B 142 35.60 -6.31 -28.24
CA VAL B 142 34.76 -7.21 -29.04
C VAL B 142 35.02 -7.00 -30.53
N LEU B 143 35.70 -5.92 -30.87
CA LEU B 143 36.00 -5.60 -32.26
C LEU B 143 36.93 -6.65 -32.87
N PHE B 144 37.79 -7.23 -32.03
CA PHE B 144 38.72 -8.25 -32.48
C PHE B 144 38.22 -9.65 -32.14
N HIS B 166 22.46 -9.68 -14.06
CA HIS B 166 21.81 -8.40 -13.76
C HIS B 166 22.81 -7.26 -13.66
N HIS B 167 22.61 -6.24 -14.46
CA HIS B 167 23.45 -5.07 -14.33
C HIS B 167 22.84 -4.16 -13.27
N ILE B 168 23.59 -3.90 -12.20
CA ILE B 168 23.16 -2.95 -11.18
C ILE B 168 23.61 -1.51 -11.52
N ILE B 169 22.64 -0.59 -11.64
CA ILE B 169 22.97 0.80 -11.95
C ILE B 169 22.62 1.77 -10.84
N LYS B 170 23.32 2.89 -10.80
CA LYS B 170 23.08 3.94 -9.81
C LYS B 170 22.66 5.22 -10.50
N PHE B 171 21.52 5.76 -10.09
CA PHE B 171 20.90 6.93 -10.70
C PHE B 171 20.92 8.15 -9.75
N GLY B 172 21.58 9.25 -10.15
CA GLY B 172 21.59 10.49 -9.36
C GLY B 172 20.33 11.30 -9.60
N THR B 173 19.48 11.42 -8.59
CA THR B 173 18.11 11.91 -8.77
C THR B 173 17.75 13.14 -7.87
N ASN B 174 16.87 13.99 -8.34
CA ASN B 174 16.40 15.12 -7.54
C ASN B 174 17.54 15.87 -6.86
N ILE B 175 18.52 16.28 -7.66
CA ILE B 175 19.63 17.07 -7.14
C ILE B 175 19.22 18.55 -7.09
N ASP B 176 19.40 19.17 -5.93
CA ASP B 176 18.80 20.51 -5.76
C ASP B 176 19.72 21.69 -6.11
N LEU B 177 19.44 22.29 -7.27
CA LEU B 177 20.14 23.49 -7.67
C LEU B 177 19.33 24.68 -7.15
N SER B 178 19.16 24.72 -5.83
CA SER B 178 18.30 25.73 -5.23
C SER B 178 19.09 26.99 -4.91
N ASP B 179 20.32 26.81 -4.45
CA ASP B 179 21.13 27.94 -3.99
C ASP B 179 21.52 28.84 -5.16
N ALA B 180 20.89 30.00 -5.27
CA ALA B 180 21.10 30.88 -6.42
C ALA B 180 22.54 31.37 -6.59
N LYS B 181 23.20 31.75 -5.50
CA LYS B 181 24.56 32.25 -5.60
C LYS B 181 25.54 31.18 -6.12
N ARG B 182 25.42 29.96 -5.59
CA ARG B 182 26.27 28.84 -6.01
C ARG B 182 26.04 28.44 -7.47
N TRP B 183 24.77 28.44 -7.87
CA TRP B 183 24.34 27.99 -9.19
C TRP B 183 23.93 29.17 -10.06
N LYS B 184 24.57 30.32 -9.81
CA LYS B 184 24.14 31.60 -10.42
C LYS B 184 24.03 31.56 -11.94
N PRO B 185 25.12 31.23 -12.63
CA PRO B 185 25.06 31.26 -14.11
C PRO B 185 24.08 30.23 -14.68
N GLN B 186 24.13 29.01 -14.16
CA GLN B 186 23.15 27.97 -14.50
C GLN B 186 21.71 28.50 -14.45
N LEU B 187 21.32 29.14 -13.34
CA LEU B 187 19.94 29.62 -13.19
C LEU B 187 19.65 30.82 -14.07
N GLN B 188 20.60 31.74 -14.13
CA GLN B 188 20.46 32.91 -15.00
C GLN B 188 20.10 32.52 -16.44
N GLU B 189 20.72 31.45 -16.92
CA GLU B 189 20.45 30.93 -18.26
C GLU B 189 18.95 30.71 -18.54
N LEU B 190 18.25 30.11 -17.60
CA LEU B 190 16.83 29.80 -17.80
C LEU B 190 15.88 31.01 -17.83
N LEU B 191 16.40 32.20 -17.52
CA LEU B 191 15.66 33.45 -17.69
C LEU B 191 15.32 33.69 -19.16
N LYS B 192 16.14 33.11 -20.06
CA LYS B 192 15.97 33.30 -21.51
C LYS B 192 14.77 32.54 -22.07
N LEU B 193 14.05 31.86 -21.20
CA LEU B 193 12.90 31.05 -21.62
C LEU B 193 11.62 31.89 -21.67
N PRO B 194 10.67 31.47 -22.52
CA PRO B 194 9.32 32.07 -22.51
C PRO B 194 8.81 32.01 -21.07
N ALA B 195 8.03 33.02 -20.69
CA ALA B 195 7.63 33.23 -19.29
C ALA B 195 6.95 32.02 -18.63
N PHE B 196 6.08 31.33 -19.38
CA PHE B 196 5.28 30.25 -18.81
C PHE B 196 6.10 29.00 -18.51
N MET B 197 7.34 28.97 -19.03
CA MET B 197 8.24 27.85 -18.75
C MET B 197 9.24 28.19 -17.64
N ARG B 198 9.26 29.44 -17.22
CA ARG B 198 10.25 29.84 -16.24
C ARG B 198 10.04 29.32 -14.81
N VAL B 199 11.14 29.24 -14.08
CA VAL B 199 11.06 28.84 -12.67
C VAL B 199 10.15 29.81 -11.92
N THR B 200 10.45 31.09 -12.03
CA THR B 200 9.69 32.14 -11.38
C THR B 200 9.03 33.06 -12.41
N SER B 201 7.71 33.21 -12.32
CA SER B 201 6.99 34.10 -13.22
C SER B 201 5.68 34.56 -12.60
N THR B 202 5.33 35.84 -12.82
CA THR B 202 4.10 36.37 -12.23
C THR B 202 2.90 35.53 -12.62
N GLY B 203 2.96 34.95 -13.81
CA GLY B 203 1.90 34.06 -14.25
C GLY B 203 2.10 32.60 -13.88
N ASN B 204 3.04 32.34 -12.96
CA ASN B 204 3.26 30.98 -12.41
C ASN B 204 2.63 30.78 -10.99
N MET B 205 1.51 30.07 -10.94
CA MET B 205 0.91 29.78 -9.66
C MET B 205 1.93 29.43 -8.57
N LEU B 206 2.99 28.72 -8.94
CA LEU B 206 3.97 28.25 -7.95
C LEU B 206 4.86 29.39 -7.46
N SER B 207 4.84 30.50 -8.19
CA SER B 207 5.58 31.69 -7.74
C SER B 207 4.79 32.44 -6.65
N HIS B 208 3.53 32.04 -6.44
CA HIS B 208 2.66 32.68 -5.46
C HIS B 208 2.51 31.87 -4.17
N VAL B 209 3.46 30.97 -3.92
CA VAL B 209 3.40 30.13 -2.74
C VAL B 209 3.96 30.85 -1.51
N GLY B 210 4.90 31.76 -1.73
CA GLY B 210 5.47 32.53 -0.65
C GLY B 210 6.54 31.78 0.11
N HIS B 211 6.80 30.55 -0.31
CA HIS B 211 7.98 29.82 0.17
C HIS B 211 8.49 28.79 -0.84
N THR B 212 9.63 28.20 -0.51
CA THR B 212 10.31 27.31 -1.45
C THR B 212 9.81 25.88 -1.34
N ILE B 213 9.27 25.36 -2.44
CA ILE B 213 9.04 23.91 -2.58
C ILE B 213 10.13 23.32 -3.48
N LEU B 214 11.18 22.78 -2.86
CA LEU B 214 12.32 22.24 -3.62
C LEU B 214 11.89 21.30 -4.75
N GLY B 215 12.30 21.61 -5.98
CA GLY B 215 11.99 20.75 -7.11
C GLY B 215 10.74 21.16 -7.88
N MET B 216 9.88 21.95 -7.23
CA MET B 216 8.71 22.50 -7.91
C MET B 216 8.97 23.91 -8.40
N ASN B 217 9.33 24.81 -7.49
CA ASN B 217 9.62 26.20 -7.82
C ASN B 217 11.10 26.46 -7.59
N THR B 218 11.86 25.38 -7.51
CA THR B 218 13.31 25.40 -7.71
C THR B 218 13.69 24.27 -8.68
N VAL B 219 14.91 24.34 -9.19
CA VAL B 219 15.34 23.41 -10.20
C VAL B 219 15.98 22.17 -9.58
N GLN B 220 15.58 21.02 -10.10
CA GLN B 220 16.29 19.78 -9.83
C GLN B 220 17.10 19.24 -11.03
N LEU B 221 18.24 18.65 -10.71
CA LEU B 221 19.12 18.05 -11.70
C LEU B 221 19.08 16.53 -11.60
N TYR B 222 19.14 15.88 -12.75
CA TYR B 222 19.26 14.43 -12.82
C TYR B 222 20.55 14.05 -13.52
N MET B 223 21.39 13.25 -12.87
CA MET B 223 22.57 12.62 -13.51
C MET B 223 22.30 11.14 -13.76
N LYS B 224 22.19 10.77 -15.02
CA LYS B 224 21.78 9.39 -15.33
C LYS B 224 22.86 8.55 -15.99
N VAL B 225 22.70 7.24 -15.90
CA VAL B 225 23.40 6.30 -16.78
C VAL B 225 22.34 5.48 -17.54
N PRO B 226 22.75 4.75 -18.58
CA PRO B 226 21.71 4.03 -19.33
C PRO B 226 20.95 3.10 -18.38
N GLY B 227 19.64 2.97 -18.57
CA GLY B 227 18.81 2.16 -17.67
C GLY B 227 18.25 2.93 -16.46
N SER B 228 18.77 4.13 -16.19
CA SER B 228 18.34 4.99 -15.08
C SER B 228 16.86 5.37 -15.20
N ARG B 229 16.08 5.01 -14.20
CA ARG B 229 14.62 5.06 -14.29
C ARG B 229 13.89 5.97 -13.30
N THR B 230 12.93 6.73 -13.79
CA THR B 230 12.02 7.44 -12.91
C THR B 230 10.70 6.78 -13.13
N PRO B 231 10.20 6.09 -12.08
CA PRO B 231 9.03 5.20 -12.19
C PRO B 231 7.71 5.97 -12.28
N GLY B 232 6.60 5.24 -12.45
CA GLY B 232 5.30 5.83 -12.73
C GLY B 232 4.91 6.90 -11.73
N HIS B 233 4.37 8.03 -12.21
CA HIS B 233 3.79 9.03 -11.30
C HIS B 233 3.05 10.17 -12.02
N GLN B 234 2.35 10.97 -11.22
CA GLN B 234 1.83 12.27 -11.62
C GLN B 234 2.58 13.29 -10.79
N GLU B 235 2.69 14.52 -11.27
CA GLU B 235 3.42 15.52 -10.51
C GLU B 235 2.67 15.81 -9.21
N ASN B 236 3.41 16.34 -8.24
CA ASN B 236 2.80 16.79 -7.01
C ASN B 236 1.65 17.73 -7.34
N ASN B 237 0.46 17.38 -6.86
CA ASN B 237 -0.74 18.19 -7.11
C ASN B 237 -1.07 18.45 -8.59
N ASN B 238 -0.54 17.60 -9.47
CA ASN B 238 -0.90 17.63 -10.89
C ASN B 238 -0.40 18.87 -11.60
N PHE B 239 0.68 19.44 -11.09
CA PHE B 239 1.31 20.59 -11.74
C PHE B 239 2.14 20.22 -12.95
N CYS B 240 2.08 21.08 -13.96
CA CYS B 240 2.92 20.90 -15.15
C CYS B 240 4.41 20.70 -14.82
N SER B 241 5.11 20.04 -15.72
CA SER B 241 6.53 19.80 -15.53
C SER B 241 7.23 20.25 -16.79
N VAL B 242 8.42 20.83 -16.65
CA VAL B 242 9.31 21.21 -17.76
C VAL B 242 10.66 20.54 -17.59
N ASN B 243 11.04 19.71 -18.55
CA ASN B 243 12.26 18.94 -18.43
C ASN B 243 13.19 19.20 -19.62
N ILE B 244 14.44 19.61 -19.36
CA ILE B 244 15.40 19.67 -20.47
C ILE B 244 16.50 18.61 -20.36
N ASN B 245 16.72 17.92 -21.48
CA ASN B 245 17.83 16.99 -21.62
C ASN B 245 19.12 17.74 -21.97
N ILE B 246 20.09 17.69 -21.06
CA ILE B 246 21.37 18.38 -21.27
C ILE B 246 22.30 17.57 -22.15
N GLY B 247 22.05 16.26 -22.25
CA GLY B 247 22.87 15.37 -23.06
C GLY B 247 23.94 14.67 -22.26
N PRO B 248 24.80 13.94 -22.94
CA PRO B 248 24.74 13.83 -24.41
C PRO B 248 23.89 12.64 -24.86
N GLY B 249 23.48 11.81 -23.91
CA GLY B 249 22.65 10.66 -24.21
C GLY B 249 21.18 11.02 -24.35
N ASP B 250 20.37 10.05 -24.73
CA ASP B 250 18.93 10.27 -24.89
C ASP B 250 18.10 9.73 -23.72
N CYS B 251 16.83 10.12 -23.70
CA CYS B 251 15.86 9.62 -22.72
C CYS B 251 14.63 9.16 -23.45
N GLU B 252 14.01 8.13 -22.90
CA GLU B 252 12.82 7.61 -23.51
C GLU B 252 11.69 7.87 -22.52
N TRP B 253 10.59 8.42 -23.02
CA TRP B 253 9.44 8.77 -22.23
C TRP B 253 8.22 7.91 -22.55
N PHE B 254 7.39 7.66 -21.54
CA PHE B 254 6.10 7.03 -21.69
C PHE B 254 5.11 7.88 -20.97
N ALA B 255 3.88 7.92 -21.41
CA ALA B 255 2.94 8.82 -20.81
C ALA B 255 1.51 8.47 -21.13
N VAL B 256 0.60 8.79 -20.22
CA VAL B 256 -0.84 8.57 -20.43
C VAL B 256 -1.59 9.82 -20.04
N HIS B 257 -2.76 10.00 -20.64
CA HIS B 257 -3.59 11.17 -20.33
C HIS B 257 -4.25 11.05 -18.92
N GLU B 258 -4.21 12.13 -18.13
CA GLU B 258 -4.85 12.21 -16.83
C GLU B 258 -6.13 11.38 -16.76
N HIS B 259 -6.91 11.44 -17.83
CA HIS B 259 -8.20 10.77 -17.86
C HIS B 259 -8.11 9.35 -17.30
N TYR B 260 -7.02 8.66 -17.62
CA TYR B 260 -6.89 7.22 -17.36
C TYR B 260 -6.17 6.90 -16.05
N TRP B 261 -5.95 7.91 -15.22
CA TRP B 261 -5.12 7.75 -14.03
C TRP B 261 -5.69 6.76 -12.99
N GLU B 262 -7.00 6.68 -12.88
CA GLU B 262 -7.58 5.85 -11.85
C GLU B 262 -7.48 4.40 -12.26
N THR B 263 -7.57 4.17 -13.58
CA THR B 263 -7.36 2.83 -14.11
C THR B 263 -5.95 2.36 -13.80
N ILE B 264 -4.98 3.26 -13.84
CA ILE B 264 -3.59 2.86 -13.57
C ILE B 264 -3.37 2.56 -12.07
N SER B 265 -3.95 3.43 -11.24
CA SER B 265 -3.98 3.27 -9.80
C SER B 265 -4.63 1.94 -9.40
N ALA B 266 -5.62 1.51 -10.18
CA ALA B 266 -6.32 0.25 -9.90
C ALA B 266 -5.33 -0.90 -10.09
N PHE B 267 -4.48 -0.78 -11.09
CA PHE B 267 -3.43 -1.76 -11.30
C PHE B 267 -2.51 -1.79 -10.08
N CYS B 268 -2.13 -0.62 -9.60
CA CYS B 268 -1.24 -0.56 -8.45
C CYS B 268 -1.86 -1.27 -7.24
N ASP B 269 -3.17 -1.11 -7.10
CA ASP B 269 -3.87 -1.75 -5.98
C ASP B 269 -3.74 -3.25 -6.08
N ARG B 270 -4.09 -3.79 -7.22
CA ARG B 270 -4.01 -5.20 -7.48
C ARG B 270 -2.65 -5.80 -7.28
N HIS B 271 -1.63 -5.08 -7.68
CA HIS B 271 -0.27 -5.61 -7.62
C HIS B 271 0.43 -5.27 -6.31
N GLY B 272 -0.37 -4.80 -5.36
CA GLY B 272 0.12 -4.52 -4.02
C GLY B 272 1.15 -3.41 -3.93
N VAL B 273 1.03 -2.40 -4.77
CA VAL B 273 1.91 -1.23 -4.71
C VAL B 273 1.08 0.03 -4.58
N ASP B 274 1.47 0.91 -3.67
CA ASP B 274 0.80 2.18 -3.54
C ASP B 274 1.00 3.10 -4.78
N TYR B 275 -0.11 3.51 -5.38
CA TYR B 275 -0.11 4.30 -6.60
C TYR B 275 0.63 5.64 -6.48
N LEU B 276 0.45 6.34 -5.36
CA LEU B 276 0.97 7.70 -5.18
C LEU B 276 2.36 7.74 -4.54
N THR B 277 2.74 6.73 -3.78
CA THR B 277 4.02 6.81 -3.08
C THR B 277 4.88 5.58 -3.34
N GLY B 278 4.32 4.62 -4.06
CA GLY B 278 5.04 3.42 -4.44
C GLY B 278 5.88 3.55 -5.70
N SER B 279 6.75 2.57 -5.88
CA SER B 279 7.63 2.49 -7.03
C SER B 279 7.04 1.47 -8.00
N TRP B 280 6.60 1.94 -9.16
CA TRP B 280 5.98 1.02 -10.12
C TRP B 280 6.33 1.34 -11.58
N TRP B 281 6.57 0.29 -12.35
CA TRP B 281 6.82 0.41 -13.77
C TRP B 281 5.71 -0.34 -14.48
N PRO B 282 4.85 0.37 -15.21
CA PRO B 282 3.66 -0.26 -15.83
C PRO B 282 4.00 -1.34 -16.84
N ILE B 283 3.09 -2.30 -16.99
CA ILE B 283 3.20 -3.34 -18.00
C ILE B 283 2.41 -2.91 -19.22
N LEU B 284 3.12 -2.44 -20.25
CA LEU B 284 2.50 -1.91 -21.46
C LEU B 284 1.35 -2.79 -22.03
N ASP B 285 1.51 -4.10 -22.02
CA ASP B 285 0.44 -4.95 -22.53
C ASP B 285 -0.83 -4.84 -21.68
N ASP B 286 -0.65 -4.66 -20.37
CA ASP B 286 -1.78 -4.41 -19.50
C ASP B 286 -2.53 -3.17 -19.98
N LEU B 287 -1.79 -2.10 -20.28
CA LEU B 287 -2.42 -0.83 -20.64
C LEU B 287 -3.08 -0.90 -22.02
N TYR B 288 -2.39 -1.50 -22.98
CA TYR B 288 -3.01 -1.80 -24.28
C TYR B 288 -4.24 -2.67 -24.05
N ALA B 289 -4.10 -3.72 -23.23
CA ALA B 289 -5.20 -4.63 -22.95
C ALA B 289 -6.42 -3.89 -22.41
N SER B 290 -6.17 -2.78 -21.68
CA SER B 290 -7.22 -2.00 -21.02
C SER B 290 -7.71 -0.85 -21.88
N ASN B 291 -7.29 -0.81 -23.14
CA ASN B 291 -7.71 0.25 -24.06
C ASN B 291 -7.18 1.63 -23.68
N ILE B 292 -5.94 1.69 -23.20
CA ILE B 292 -5.28 2.96 -22.80
C ILE B 292 -4.15 3.34 -23.74
N PRO B 293 -4.33 4.43 -24.50
CA PRO B 293 -3.27 4.91 -25.40
C PRO B 293 -2.02 5.30 -24.62
N VAL B 294 -0.87 4.95 -25.13
CA VAL B 294 0.39 5.28 -24.50
C VAL B 294 1.28 6.02 -25.45
N TYR B 295 1.77 7.15 -25.04
CA TYR B 295 2.67 7.91 -25.86
C TYR B 295 4.07 7.44 -25.62
N ARG B 296 4.80 7.12 -26.65
CA ARG B 296 6.18 6.72 -26.56
C ARG B 296 7.02 7.65 -27.38
N PHE B 297 8.07 8.19 -26.83
CA PHE B 297 8.93 9.06 -27.61
C PHE B 297 10.33 9.17 -27.00
N VAL B 298 11.24 9.63 -27.84
CA VAL B 298 12.62 9.89 -27.47
C VAL B 298 12.89 11.39 -27.31
N GLN B 299 13.67 11.73 -26.28
CA GLN B 299 13.99 13.12 -25.98
C GLN B 299 15.48 13.28 -26.20
N ARG B 300 15.88 14.11 -27.14
CA ARG B 300 17.28 14.25 -27.41
C ARG B 300 17.90 15.49 -26.79
N PRO B 301 19.22 15.52 -26.68
CA PRO B 301 19.91 16.64 -26.02
C PRO B 301 19.38 17.95 -26.59
N GLY B 302 18.98 18.86 -25.70
CA GLY B 302 18.50 20.17 -26.09
C GLY B 302 16.99 20.18 -26.33
N ASP B 303 16.38 19.00 -26.27
CA ASP B 303 14.92 18.88 -26.37
C ASP B 303 14.28 19.11 -25.01
N LEU B 304 13.27 19.98 -25.02
CA LEU B 304 12.47 20.27 -23.82
C LEU B 304 11.18 19.48 -23.84
N VAL B 305 10.91 18.72 -22.77
CA VAL B 305 9.60 18.05 -22.60
C VAL B 305 8.65 18.89 -21.74
N TRP B 306 7.41 19.05 -22.20
CA TRP B 306 6.37 19.77 -21.44
C TRP B 306 5.33 18.75 -21.06
N ILE B 307 5.20 18.51 -19.76
CA ILE B 307 4.24 17.55 -19.28
C ILE B 307 3.05 18.37 -18.84
N ASN B 308 1.94 18.20 -19.56
CA ASN B 308 0.73 18.89 -19.20
C ASN B 308 0.14 18.42 -17.83
N ALA B 309 -0.72 19.25 -17.27
CA ALA B 309 -1.38 18.95 -15.99
C ALA B 309 -1.93 17.50 -15.87
N GLY B 310 -1.55 16.78 -14.81
CA GLY B 310 -2.14 15.49 -14.53
C GLY B 310 -1.76 14.28 -15.36
N THR B 311 -0.67 14.42 -16.13
CA THR B 311 -0.23 13.35 -17.03
C THR B 311 0.58 12.27 -16.30
N VAL B 312 0.10 11.04 -16.32
CA VAL B 312 0.90 9.94 -15.81
C VAL B 312 2.12 9.69 -16.74
N HIS B 313 3.29 9.56 -16.15
CA HIS B 313 4.49 9.39 -16.95
C HIS B 313 5.57 8.58 -16.24
N TRP B 314 6.55 8.12 -17.02
CA TRP B 314 7.72 7.42 -16.51
C TRP B 314 8.79 7.41 -17.58
N VAL B 315 10.04 7.30 -17.14
CA VAL B 315 11.15 7.81 -17.93
C VAL B 315 12.39 6.96 -17.74
N GLN B 316 13.07 6.66 -18.84
CA GLN B 316 14.28 5.88 -18.80
C GLN B 316 15.37 6.56 -19.55
N ALA B 317 16.56 6.53 -19.02
CA ALA B 317 17.74 7.00 -19.76
C ALA B 317 18.26 5.86 -20.64
N THR B 318 18.43 6.14 -21.94
CA THR B 318 18.98 5.12 -22.85
C THR B 318 20.48 5.32 -23.03
N GLY B 319 20.96 6.54 -22.75
CA GLY B 319 22.39 6.80 -22.78
C GLY B 319 22.88 7.42 -21.48
N TRP B 320 24.01 8.12 -21.56
CA TRP B 320 24.57 8.86 -20.44
C TRP B 320 24.17 10.32 -20.63
N CYS B 321 23.52 10.88 -19.62
CA CYS B 321 22.94 12.19 -19.74
C CYS B 321 22.53 12.78 -18.41
N ASN B 322 22.35 14.09 -18.42
CA ASN B 322 21.75 14.78 -17.29
C ASN B 322 20.50 15.46 -17.81
N ASN B 323 19.49 15.56 -16.94
CA ASN B 323 18.33 16.35 -17.25
C ASN B 323 18.20 17.47 -16.22
N ILE B 324 17.43 18.49 -16.57
CA ILE B 324 16.98 19.47 -15.56
C ILE B 324 15.47 19.67 -15.66
N ALA B 325 14.85 19.89 -14.52
CA ALA B 325 13.40 19.90 -14.40
C ALA B 325 12.91 20.72 -13.20
N TRP B 326 11.69 21.21 -13.33
CA TRP B 326 10.99 21.95 -12.29
C TRP B 326 9.53 21.92 -12.66
N ASN B 327 8.66 22.28 -11.72
CA ASN B 327 7.26 22.38 -12.09
C ASN B 327 6.90 23.81 -12.44
N VAL B 328 5.80 23.99 -13.16
CA VAL B 328 5.22 25.30 -13.35
C VAL B 328 3.71 25.25 -13.18
N GLY B 329 3.11 26.39 -12.83
CA GLY B 329 1.70 26.46 -12.55
C GLY B 329 1.03 27.57 -13.32
N PRO B 330 0.87 27.35 -14.62
CA PRO B 330 0.22 28.34 -15.49
C PRO B 330 -1.24 28.55 -15.10
N LEU B 331 -1.72 29.78 -15.22
CA LEU B 331 -3.05 30.12 -14.77
C LEU B 331 -4.06 29.77 -15.86
N THR B 332 -4.32 28.48 -16.02
CA THR B 332 -5.40 28.02 -16.88
C THR B 332 -6.42 27.30 -16.02
N ALA B 333 -7.66 27.19 -16.49
CA ALA B 333 -8.68 26.47 -15.72
C ALA B 333 -8.31 25.00 -15.55
N TYR B 334 -7.82 24.36 -16.60
CA TYR B 334 -7.45 22.95 -16.54
C TYR B 334 -6.43 22.70 -15.42
N GLN B 335 -5.34 23.44 -15.45
CA GLN B 335 -4.30 23.28 -14.43
C GLN B 335 -4.87 23.46 -13.06
N TYR B 336 -5.68 24.51 -12.90
CA TYR B 336 -6.28 24.82 -11.60
C TYR B 336 -7.22 23.74 -11.09
N GLN B 337 -8.22 23.38 -11.88
CA GLN B 337 -9.15 22.29 -11.54
C GLN B 337 -8.41 21.00 -11.13
N LEU B 338 -7.34 20.66 -11.85
CA LEU B 338 -6.58 19.45 -11.55
C LEU B 338 -5.71 19.57 -10.31
N ALA B 339 -5.19 20.76 -10.03
CA ALA B 339 -4.44 20.98 -8.79
C ALA B 339 -5.36 20.78 -7.58
N LEU B 340 -6.63 21.15 -7.74
CA LEU B 340 -7.57 21.11 -6.63
C LEU B 340 -8.09 19.71 -6.41
N GLU B 341 -8.39 19.01 -7.51
CA GLU B 341 -8.83 17.62 -7.38
C GLU B 341 -7.79 16.80 -6.65
N ARG B 342 -6.53 17.02 -6.98
CA ARG B 342 -5.44 16.21 -6.42
C ARG B 342 -5.21 16.61 -4.96
N TYR B 343 -5.42 17.90 -4.68
CA TYR B 343 -5.39 18.45 -3.32
C TYR B 343 -6.41 17.76 -2.41
N GLU B 344 -7.63 17.59 -2.92
CA GLU B 344 -8.63 16.94 -2.11
C GLU B 344 -8.37 15.45 -2.06
N TRP B 345 -8.07 14.88 -3.21
CA TRP B 345 -7.81 13.45 -3.26
C TRP B 345 -6.65 13.06 -2.31
N ASN B 346 -5.61 13.90 -2.24
CA ASN B 346 -4.50 13.62 -1.33
C ASN B 346 -4.92 13.38 0.10
N GLU B 347 -5.92 14.13 0.53
CA GLU B 347 -6.30 14.16 1.93
C GLU B 347 -7.26 13.02 2.23
N VAL B 348 -8.10 12.69 1.26
CA VAL B 348 -8.84 11.41 1.28
C VAL B 348 -7.89 10.24 1.54
N LYS B 349 -6.64 10.37 1.06
CA LYS B 349 -5.66 9.26 1.08
C LYS B 349 -4.57 9.45 2.12
N ASN B 350 -4.79 10.43 2.99
CA ASN B 350 -3.82 10.76 4.02
C ASN B 350 -2.42 11.12 3.52
N VAL B 351 -2.35 11.79 2.36
CA VAL B 351 -1.08 12.11 1.69
C VAL B 351 -0.83 13.61 1.61
N LYS B 352 0.32 14.04 2.10
CA LYS B 352 0.57 15.45 2.13
C LYS B 352 0.57 16.08 0.73
N SER B 353 -0.29 17.07 0.56
CA SER B 353 -0.30 18.01 -0.54
C SER B 353 0.81 19.04 -0.34
N ILE B 354 1.86 19.04 -1.15
CA ILE B 354 2.94 19.98 -0.86
C ILE B 354 2.76 21.40 -1.43
N VAL B 355 1.77 21.53 -2.31
CA VAL B 355 1.33 22.84 -2.73
C VAL B 355 0.08 23.20 -1.94
N PRO B 356 0.20 24.15 -0.99
CA PRO B 356 -0.92 24.54 -0.13
C PRO B 356 -1.97 25.32 -0.95
N MET B 357 -2.84 24.57 -1.62
CA MET B 357 -3.75 25.14 -2.60
C MET B 357 -4.62 26.32 -2.17
N ILE B 358 -5.05 26.33 -0.90
CA ILE B 358 -5.94 27.41 -0.45
C ILE B 358 -5.19 28.72 -0.26
N HIS B 359 -4.03 28.65 0.40
CA HIS B 359 -3.14 29.79 0.58
C HIS B 359 -2.69 30.32 -0.78
N VAL B 360 -2.44 29.41 -1.72
CA VAL B 360 -2.10 29.82 -3.08
C VAL B 360 -3.25 30.59 -3.75
N SER B 361 -4.47 30.07 -3.64
CA SER B 361 -5.58 30.68 -4.37
C SER B 361 -5.80 32.12 -3.91
N TRP B 362 -5.71 32.35 -2.60
CA TRP B 362 -5.84 33.70 -2.03
C TRP B 362 -4.69 34.61 -2.49
N ASN B 363 -3.47 34.09 -2.52
CA ASN B 363 -2.34 34.90 -2.94
C ASN B 363 -2.51 35.32 -4.38
N VAL B 364 -2.98 34.39 -5.20
CA VAL B 364 -3.23 34.65 -6.63
C VAL B 364 -4.31 35.73 -6.85
N ALA B 365 -5.48 35.55 -6.25
CA ALA B 365 -6.56 36.51 -6.40
C ALA B 365 -6.14 37.93 -5.96
N ARG B 366 -5.35 37.98 -4.90
CA ARG B 366 -4.78 39.21 -4.36
C ARG B 366 -3.67 39.85 -5.24
N THR B 367 -2.95 39.05 -6.01
CA THR B 367 -1.74 39.59 -6.68
C THR B 367 -1.78 39.56 -8.21
N VAL B 368 -2.75 38.87 -8.79
CA VAL B 368 -2.73 38.60 -10.22
C VAL B 368 -4.10 38.85 -10.84
N LYS B 369 -4.15 39.67 -11.88
CA LYS B 369 -5.36 39.87 -12.68
C LYS B 369 -5.70 38.67 -13.58
N ILE B 370 -6.94 38.20 -13.51
CA ILE B 370 -7.39 37.04 -14.26
C ILE B 370 -8.44 37.43 -15.32
N SER B 371 -8.13 37.16 -16.59
CA SER B 371 -9.01 37.55 -17.68
C SER B 371 -9.85 36.37 -18.14
N ASP B 372 -9.33 35.16 -17.90
CA ASP B 372 -9.97 33.92 -18.32
C ASP B 372 -11.17 33.50 -17.45
N PRO B 373 -12.39 33.62 -18.01
CA PRO B 373 -13.65 33.48 -17.27
C PRO B 373 -13.83 32.14 -16.55
N ASP B 374 -13.46 31.05 -17.20
CA ASP B 374 -13.54 29.73 -16.59
C ASP B 374 -12.59 29.56 -15.40
N LEU B 375 -11.35 30.01 -15.55
CA LEU B 375 -10.43 30.02 -14.43
C LEU B 375 -10.93 30.91 -13.30
N PHE B 376 -11.53 32.06 -13.67
CA PHE B 376 -12.02 33.02 -12.70
C PHE B 376 -13.13 32.43 -11.85
N LYS B 377 -14.06 31.70 -12.49
CA LYS B 377 -15.20 31.17 -11.75
C LYS B 377 -14.68 30.10 -10.81
N MET B 378 -13.56 29.47 -11.17
CA MET B 378 -13.05 28.37 -10.34
C MET B 378 -12.38 28.90 -9.09
N ILE B 379 -11.55 29.93 -9.26
CA ILE B 379 -10.95 30.52 -8.08
C ILE B 379 -11.98 31.16 -7.15
N LYS B 380 -13.02 31.75 -7.76
CA LYS B 380 -14.02 32.47 -7.00
C LYS B 380 -14.84 31.51 -6.14
N PHE B 381 -15.15 30.34 -6.70
CA PHE B 381 -15.88 29.32 -5.97
C PHE B 381 -15.07 28.82 -4.79
N CYS B 382 -13.78 28.61 -5.03
CA CYS B 382 -12.90 28.09 -4.01
C CYS B 382 -12.76 29.06 -2.84
N LEU B 383 -12.55 30.34 -3.12
CA LEU B 383 -12.49 31.37 -2.07
C LEU B 383 -13.78 31.41 -1.25
N LEU B 384 -14.90 31.33 -1.94
CA LEU B 384 -16.18 31.33 -1.28
C LEU B 384 -16.22 30.23 -0.21
N GLN B 385 -15.90 28.99 -0.62
CA GLN B 385 -15.98 27.81 0.25
C GLN B 385 -14.97 27.93 1.38
N SER B 386 -13.85 28.56 1.07
CA SER B 386 -12.87 28.81 2.09
C SER B 386 -13.46 29.75 3.15
N MET B 387 -14.29 30.70 2.72
CA MET B 387 -14.87 31.67 3.65
C MET B 387 -15.97 31.08 4.51
N LYS B 388 -16.73 30.15 3.95
CA LYS B 388 -17.84 29.54 4.65
C LYS B 388 -17.29 28.62 5.70
N HIS B 389 -16.24 27.92 5.31
CA HIS B 389 -15.53 27.03 6.18
C HIS B 389 -14.99 27.81 7.34
N CYS B 390 -14.33 28.91 7.06
CA CYS B 390 -13.77 29.73 8.13
C CYS B 390 -14.91 30.25 9.02
N GLN B 391 -16.01 30.63 8.37
CA GLN B 391 -17.18 31.15 9.05
C GLN B 391 -17.80 30.10 9.99
N VAL B 392 -17.91 28.86 9.50
CA VAL B 392 -18.53 27.80 10.28
C VAL B 392 -17.68 27.44 11.48
N GLN B 393 -16.37 27.43 11.26
CA GLN B 393 -15.42 27.08 12.29
C GLN B 393 -15.44 28.14 13.40
N ARG B 394 -15.62 29.39 13.02
CA ARG B 394 -15.64 30.50 13.97
C ARG B 394 -16.86 30.45 14.89
N GLU B 395 -18.03 30.18 14.32
CA GLU B 395 -19.24 30.18 15.09
C GLU B 395 -19.16 29.14 16.16
N SER B 396 -18.83 27.93 15.75
CA SER B 396 -18.90 26.80 16.68
C SER B 396 -17.85 26.96 17.78
N LEU B 397 -16.75 27.63 17.49
CA LEU B 397 -15.74 27.88 18.52
C LEU B 397 -16.23 28.93 19.51
N VAL B 398 -16.75 30.03 18.97
CA VAL B 398 -17.47 31.03 19.75
C VAL B 398 -18.56 30.31 20.53
N ARG B 399 -19.41 29.59 19.81
CA ARG B 399 -20.58 28.99 20.40
C ARG B 399 -20.22 28.10 21.58
N ALA B 400 -18.99 27.61 21.60
CA ALA B 400 -18.56 26.72 22.67
C ALA B 400 -17.57 27.38 23.62
N GLY B 401 -17.60 28.71 23.66
CA GLY B 401 -16.86 29.47 24.66
C GLY B 401 -15.38 29.60 24.40
N LYS B 402 -14.94 29.17 23.22
CA LYS B 402 -13.53 29.20 22.91
C LYS B 402 -13.12 30.59 22.46
N LYS B 403 -12.07 31.13 23.06
CA LYS B 403 -11.59 32.43 22.63
C LYS B 403 -10.61 32.28 21.46
N ILE B 404 -10.67 33.21 20.51
CA ILE B 404 -9.76 33.25 19.35
C ILE B 404 -8.95 34.53 19.29
N ALA B 405 -7.66 34.43 19.55
CA ALA B 405 -6.75 35.57 19.38
C ALA B 405 -6.62 35.95 17.91
N TYR B 406 -6.28 37.22 17.64
CA TYR B 406 -5.98 37.61 16.28
C TYR B 406 -4.47 37.66 16.06
N GLN B 407 -4.03 36.96 15.01
CA GLN B 407 -2.62 36.87 14.67
C GLN B 407 -2.44 37.47 13.29
N GLY B 408 -1.46 38.34 13.13
CA GLY B 408 -1.21 38.88 11.83
C GLY B 408 -0.46 37.87 10.99
N ARG B 409 -0.73 37.88 9.69
CA ARG B 409 0.25 37.38 8.73
C ARG B 409 1.35 38.43 8.72
N VAL B 410 2.59 37.99 8.84
CA VAL B 410 3.70 38.91 8.63
C VAL B 410 4.17 38.76 7.18
N LYS B 411 5.24 39.48 6.82
CA LYS B 411 5.83 39.41 5.48
C LYS B 411 6.54 38.09 5.25
N ASP B 412 6.19 37.41 4.16
CA ASP B 412 6.83 36.15 3.81
C ASP B 412 6.60 35.10 4.89
N GLU B 413 5.42 35.13 5.49
CA GLU B 413 5.04 34.05 6.37
C GLU B 413 4.54 32.93 5.50
N PRO B 414 4.96 31.67 5.82
CA PRO B 414 4.62 30.47 5.04
C PRO B 414 3.20 30.03 5.30
N ALA B 415 2.73 29.07 4.51
CA ALA B 415 1.52 28.30 4.82
C ALA B 415 1.78 27.29 5.97
N TYR B 416 0.73 26.74 6.60
CA TYR B 416 0.86 25.70 7.63
C TYR B 416 0.09 24.38 7.42
N TYR B 417 0.66 23.32 7.96
CA TYR B 417 0.33 21.99 7.56
C TYR B 417 0.28 21.29 8.88
N CYS B 418 -0.57 20.29 8.99
CA CYS B 418 -0.75 19.71 10.28
C CYS B 418 0.53 19.04 10.72
N ASN B 419 0.81 19.10 12.02
CA ASN B 419 1.86 18.29 12.59
C ASN B 419 1.47 16.85 12.36
N GLU B 420 0.17 16.57 12.47
CA GLU B 420 -0.30 15.20 12.64
C GLU B 420 -0.80 14.51 11.37
N CYS B 421 -1.68 15.19 10.65
CA CYS B 421 -2.30 14.62 9.46
C CYS B 421 -1.79 15.30 8.19
N ASP B 422 -0.99 16.36 8.37
CA ASP B 422 -0.31 17.02 7.25
C ASP B 422 -1.25 17.81 6.35
N VAL B 423 -2.53 17.87 6.70
CA VAL B 423 -3.46 18.74 6.00
C VAL B 423 -3.06 20.25 6.08
N GLU B 424 -3.35 21.02 5.05
CA GLU B 424 -3.10 22.45 5.13
C GLU B 424 -4.06 23.07 6.17
N VAL B 425 -3.53 23.97 7.00
CA VAL B 425 -4.35 24.71 7.94
C VAL B 425 -4.39 26.15 7.46
N PHE B 426 -5.59 26.67 7.22
CA PHE B 426 -5.73 28.02 6.67
C PHE B 426 -6.54 28.98 7.54
N ASN B 427 -5.99 30.16 7.76
CA ASN B 427 -6.66 31.22 8.50
C ASN B 427 -6.76 30.97 10.00
N ILE B 428 -7.38 29.85 10.37
CA ILE B 428 -7.54 29.52 11.78
C ILE B 428 -6.52 28.48 12.18
N LEU B 429 -5.68 28.84 13.14
CA LEU B 429 -4.63 27.95 13.62
C LEU B 429 -4.98 27.38 14.99
N PHE B 430 -4.65 26.11 15.20
CA PHE B 430 -4.66 25.52 16.54
C PHE B 430 -3.21 25.29 16.92
N VAL B 431 -2.83 25.80 18.09
CA VAL B 431 -1.43 25.77 18.45
C VAL B 431 -1.17 25.24 19.87
N THR B 432 -0.07 24.49 20.03
CA THR B 432 0.44 24.06 21.34
C THR B 432 1.95 24.26 21.43
N SER B 433 2.48 24.06 22.64
CA SER B 433 3.93 24.06 22.87
C SER B 433 4.39 22.80 23.59
N THR B 440 8.73 23.46 21.00
CA THR B 440 8.27 24.85 20.80
C THR B 440 6.80 24.86 20.42
N TYR B 441 6.43 25.74 19.47
CA TYR B 441 5.04 25.84 19.08
C TYR B 441 4.68 24.90 17.93
N LEU B 442 3.57 24.20 18.08
CA LEU B 442 3.09 23.34 17.01
C LEU B 442 1.71 23.78 16.51
N VAL B 443 1.46 23.52 15.23
CA VAL B 443 0.18 23.86 14.60
C VAL B 443 -0.59 22.60 14.22
N HIS B 444 -1.92 22.63 14.38
CA HIS B 444 -2.76 21.47 14.09
C HIS B 444 -4.02 21.92 13.36
N CYS B 445 -4.67 20.98 12.68
CA CYS B 445 -6.06 21.19 12.31
C CYS B 445 -6.92 20.92 13.56
N GLU B 446 -8.20 21.27 13.50
CA GLU B 446 -9.08 21.15 14.64
C GLU B 446 -9.20 19.71 15.17
N GLY B 447 -9.42 18.75 14.27
CA GLY B 447 -9.66 17.39 14.67
C GLY B 447 -8.49 16.89 15.50
N CYS B 448 -7.28 17.06 14.96
CA CYS B 448 -6.04 16.63 15.60
C CYS B 448 -5.80 17.33 16.95
N ALA B 449 -6.43 18.49 17.11
CA ALA B 449 -6.31 19.26 18.35
C ALA B 449 -7.34 18.76 19.38
N ARG B 450 -8.53 18.52 18.89
CA ARG B 450 -9.58 18.00 19.71
C ARG B 450 -9.25 16.61 20.20
N ARG B 451 -8.80 15.75 19.31
CA ARG B 451 -8.56 14.37 19.72
C ARG B 451 -7.31 14.30 20.60
N ARG B 452 -6.58 15.38 20.66
CA ARG B 452 -5.44 15.40 21.52
C ARG B 452 -5.69 16.26 22.74
N SER B 453 -6.84 16.92 22.75
CA SER B 453 -7.38 17.60 23.93
C SER B 453 -8.84 17.97 23.67
N ALA B 454 -9.74 17.26 24.35
CA ALA B 454 -11.15 17.19 23.97
C ALA B 454 -11.88 18.51 23.94
N GLY B 455 -11.64 19.35 24.94
CA GLY B 455 -12.20 20.71 24.99
C GLY B 455 -11.23 21.78 24.51
N LEU B 456 -10.15 21.32 23.88
CA LEU B 456 -9.14 22.22 23.35
C LEU B 456 -8.41 22.95 24.48
N GLN B 457 -8.40 22.34 25.68
CA GLN B 457 -7.63 22.91 26.78
C GLN B 457 -6.15 22.82 26.47
N GLY B 458 -5.41 23.89 26.75
CA GLY B 458 -3.99 23.94 26.42
C GLY B 458 -3.80 24.19 24.93
N VAL B 459 -4.91 24.45 24.26
CA VAL B 459 -4.85 24.82 22.87
C VAL B 459 -5.13 26.32 22.68
N VAL B 460 -4.12 27.04 22.26
CA VAL B 460 -4.31 28.40 21.78
C VAL B 460 -4.99 28.32 20.39
N VAL B 461 -5.88 29.24 20.09
CA VAL B 461 -6.47 29.31 18.76
C VAL B 461 -6.22 30.70 18.17
N LEU B 462 -5.65 30.72 16.97
CA LEU B 462 -5.25 31.95 16.30
C LEU B 462 -6.09 32.19 15.04
N GLU B 463 -6.32 33.47 14.76
CA GLU B 463 -6.99 33.90 13.54
C GLU B 463 -6.03 34.81 12.77
N GLN B 464 -5.83 34.52 11.49
CA GLN B 464 -4.88 35.27 10.66
C GLN B 464 -5.55 36.28 9.70
N TYR B 465 -6.76 35.96 9.26
CA TYR B 465 -7.59 36.87 8.50
C TYR B 465 -8.98 36.98 9.10
N ARG B 466 -9.36 38.16 9.57
CA ARG B 466 -10.72 38.39 10.02
C ARG B 466 -11.65 38.23 8.83
N THR B 467 -12.90 37.90 9.12
CA THR B 467 -13.90 37.70 8.09
C THR B 467 -13.83 38.80 7.06
N GLU B 468 -13.65 40.04 7.53
CA GLU B 468 -13.71 41.21 6.68
C GLU B 468 -12.51 41.33 5.74
N GLU B 469 -11.36 40.80 6.15
CA GLU B 469 -10.19 40.84 5.28
C GLU B 469 -10.46 39.95 4.08
N LEU B 470 -10.98 38.75 4.36
CA LEU B 470 -11.31 37.80 3.31
C LEU B 470 -12.46 38.28 2.43
N ALA B 471 -13.48 38.87 3.06
CA ALA B 471 -14.66 39.39 2.37
C ALA B 471 -14.28 40.49 1.38
N GLN B 472 -13.48 41.43 1.84
CA GLN B 472 -13.07 42.53 0.99
C GLN B 472 -12.17 42.06 -0.14
N ALA B 473 -11.14 41.29 0.18
CA ALA B 473 -10.32 40.63 -0.84
C ALA B 473 -11.19 39.91 -1.87
N TYR B 474 -12.13 39.11 -1.42
CA TYR B 474 -13.07 38.42 -2.32
C TYR B 474 -13.85 39.33 -3.29
N ASP B 475 -14.42 40.42 -2.76
CA ASP B 475 -15.20 41.36 -3.58
C ASP B 475 -14.32 42.17 -4.51
N ALA B 476 -13.08 42.41 -4.09
CA ALA B 476 -12.14 43.19 -4.89
C ALA B 476 -11.75 42.35 -6.11
N PHE B 477 -11.95 41.05 -6.02
CA PHE B 477 -11.52 40.09 -7.03
C PHE B 477 -12.51 39.95 -8.19
N THR B 478 -12.16 40.55 -9.32
CA THR B 478 -13.06 40.62 -10.47
C THR B 478 -12.37 40.24 -11.77
N LEU B 479 -13.17 39.91 -12.77
CA LEU B 479 -12.67 39.46 -14.05
C LEU B 479 -12.11 40.63 -14.87
N ALA B 480 -10.83 40.51 -15.25
CA ALA B 480 -10.20 41.43 -16.19
C ALA B 480 -10.69 41.13 -17.59
N PRO B 481 -11.07 42.18 -18.34
CA PRO B 481 -11.39 41.96 -19.76
C PRO B 481 -10.11 41.93 -20.57
N ALA C 1 -12.40 -25.04 -1.86
CA ALA C 1 -11.61 -23.84 -2.13
C ALA C 1 -10.86 -23.50 -0.90
N ALA C 2 -9.62 -23.10 -1.02
CA ALA C 2 -8.94 -22.87 0.17
C ALA C 2 -9.76 -21.74 0.69
N ARG C 3 -10.15 -21.81 1.93
CA ARG C 3 -10.89 -20.73 2.46
C ARG C 3 -10.83 -20.84 3.92
N SER C 5 -12.36 -20.68 7.52
CA SER C 5 -13.62 -20.86 8.30
C SER C 5 -13.61 -21.33 9.80
N ALA C 6 -14.80 -21.34 10.42
CA ALA C 6 -15.09 -21.76 11.80
C ALA C 6 -15.28 -23.29 11.87
N PRO C 7 -14.74 -23.92 12.92
CA PRO C 7 -15.01 -25.35 13.17
C PRO C 7 -16.51 -25.59 13.36
N ALA C 8 -16.95 -26.83 13.14
CA ALA C 8 -18.37 -27.16 13.18
C ALA C 8 -18.65 -28.49 13.90
N THR C 9 -19.91 -28.68 14.24
CA THR C 9 -20.30 -29.63 15.26
C THR C 9 -21.64 -30.28 14.89
N GLY C 10 -22.44 -29.54 14.14
CA GLY C 10 -23.70 -30.04 13.62
C GLY C 10 -24.00 -29.42 12.27
N GLY C 11 -25.20 -29.69 11.74
CA GLY C 11 -25.64 -29.09 10.50
C GLY C 11 -25.17 -29.82 9.26
N ALA D 1 9.79 18.76 5.61
CA ALA D 1 10.78 19.48 4.81
C ALA D 1 10.38 19.50 3.32
N ALA D 2 9.89 20.65 2.85
CA ALA D 2 9.10 20.75 1.62
C ALA D 2 9.82 20.48 0.30
N ARG D 3 9.99 19.21 -0.06
CA ARG D 3 10.75 18.87 -1.29
C ARG D 3 10.09 17.91 -2.31
N SER D 5 10.67 14.55 -4.99
CA SER D 5 11.57 13.39 -5.10
C SER D 5 10.97 12.11 -5.70
N ALA D 6 11.82 11.09 -5.85
CA ALA D 6 11.45 9.79 -6.40
C ALA D 6 10.97 8.83 -5.29
N PRO D 7 10.06 7.92 -5.64
CA PRO D 7 9.59 6.92 -4.68
C PRO D 7 10.74 5.98 -4.31
N ALA D 8 10.80 5.56 -3.06
CA ALA D 8 11.87 4.67 -2.61
C ALA D 8 11.33 3.30 -2.20
N THR D 9 12.12 2.26 -2.44
CA THR D 9 11.74 0.90 -2.08
C THR D 9 12.86 0.21 -1.32
N GLY D 10 13.04 0.59 -0.05
CA GLY D 10 14.08 0.01 0.77
C GLY D 10 15.43 0.67 0.56
N GLY D 11 16.45 0.16 1.24
CA GLY D 11 17.79 0.70 1.13
C GLY D 11 17.90 2.10 1.69
#